data_8RIH
#
_entry.id   8RIH
#
_cell.length_a   140.284
_cell.length_b   140.284
_cell.length_c   81.343
_cell.angle_alpha   90.000
_cell.angle_beta   90.000
_cell.angle_gamma   120.000
#
_symmetry.space_group_name_H-M   'P 63'
#
loop_
_entity.id
_entity.type
_entity.pdbx_description
1 polymer 'Uridine ribohydrolase'
2 non-polymer 'CALCIUM ION'
3 non-polymer 2-AMINO-2-HYDROXYMETHYL-PROPANE-1,3-DIOL
4 water water
#
_entity_poly.entity_id   1
_entity_poly.type   'polypeptide(L)'
_entity_poly.pdbx_seq_one_letter_code
;GSHMTVSKIPIWLDCDPGHDDAIAILLGCFHPAFNLLGISTCFGNAPPENTDYNARSLLTAMGKAQAIPVYKGAQRPWKR
EPHYAPDIHGISGLDGTSLLPKPTFEARTDKTYIEAIEEAILANNGEISFVSTGALTTLATVFRCKPYLKKSVKYISIMG
GGLHGLGNCNPNLSAEFNVWIDPDAANYIFRDPDVKDKCIVVPLNLTHKAIATYKVNEMIYNEKNNSKLRELFLELFQFF
AHTYKDMQGFESGPPIHDPVASMPLLEFYGWDPSSAVGFRYKRMDISCIDDVFNENSGKIIIEKEYPNDSDVGTIIGLDL
NIQYFWDQIFEALNRADKMSTIG
;
_entity_poly.pdbx_strand_id   A,B
#
# COMPACT_ATOMS: atom_id res chain seq x y z
N SER A 7 -7.53 0.37 33.31
CA SER A 7 -8.76 -0.11 34.01
C SER A 7 -9.84 -0.55 33.01
N LYS A 8 -9.63 -0.32 31.71
CA LYS A 8 -10.63 -0.55 30.69
C LYS A 8 -9.94 -0.69 29.33
N ILE A 9 -10.32 -1.72 28.56
CA ILE A 9 -9.56 -2.16 27.40
C ILE A 9 -9.77 -1.19 26.24
N PRO A 10 -8.74 -0.40 25.85
CA PRO A 10 -8.88 0.55 24.74
C PRO A 10 -8.82 -0.18 23.39
N ILE A 11 -9.75 0.16 22.49
CA ILE A 11 -9.86 -0.55 21.22
C ILE A 11 -10.18 0.41 20.09
N TRP A 12 -9.72 0.03 18.90
CA TRP A 12 -10.23 0.59 17.66
C TRP A 12 -11.00 -0.50 16.91
N LEU A 13 -12.14 -0.13 16.32
CA LEU A 13 -12.94 -1.07 15.56
C LEU A 13 -12.97 -0.68 14.08
N ASP A 14 -12.46 -1.58 13.24
CA ASP A 14 -12.66 -1.52 11.80
C ASP A 14 -13.68 -2.59 11.41
N CYS A 15 -14.81 -2.14 10.82
CA CYS A 15 -15.94 -3.01 10.55
C CYS A 15 -16.67 -2.59 9.26
N ASP A 16 -17.58 -3.47 8.81
CA ASP A 16 -18.34 -3.27 7.59
C ASP A 16 -19.81 -3.65 7.84
N PRO A 17 -20.55 -2.88 8.68
CA PRO A 17 -21.87 -3.31 9.13
C PRO A 17 -22.91 -3.41 8.01
N GLY A 18 -23.53 -4.60 7.84
CA GLY A 18 -23.14 -5.84 8.51
C GLY A 18 -23.95 -6.12 9.77
N HIS A 19 -24.71 -7.21 9.73
CA HIS A 19 -25.61 -7.59 10.81
C HIS A 19 -24.82 -7.95 12.07
N ASP A 20 -23.82 -8.83 11.91
CA ASP A 20 -23.01 -9.29 13.03
C ASP A 20 -22.07 -8.18 13.50
N ASP A 21 -21.68 -7.29 12.57
CA ASP A 21 -20.82 -6.16 12.88
C ASP A 21 -21.54 -5.17 13.81
N ALA A 22 -22.87 -5.06 13.65
CA ALA A 22 -23.70 -4.20 14.48
C ALA A 22 -23.56 -4.58 15.95
N ILE A 23 -23.40 -5.88 16.21
CA ILE A 23 -23.29 -6.41 17.57
C ILE A 23 -21.89 -6.14 18.10
N ALA A 24 -20.90 -6.14 17.20
CA ALA A 24 -19.54 -5.76 17.56
C ALA A 24 -19.53 -4.34 18.11
N ILE A 25 -20.24 -3.43 17.41
CA ILE A 25 -20.33 -2.03 17.81
C ILE A 25 -21.00 -1.95 19.18
N LEU A 26 -22.07 -2.73 19.38
CA LEU A 26 -22.82 -2.74 20.63
C LEU A 26 -21.92 -3.11 21.80
N LEU A 27 -21.09 -4.14 21.61
CA LEU A 27 -20.18 -4.57 22.66
C LEU A 27 -19.20 -3.47 22.98
N GLY A 28 -18.52 -2.95 21.95
CA GLY A 28 -17.46 -1.96 22.11
C GLY A 28 -17.98 -0.65 22.68
N CYS A 29 -19.25 -0.33 22.37
CA CYS A 29 -19.87 0.90 22.86
C CYS A 29 -20.29 0.74 24.31
N PHE A 30 -20.81 -0.44 24.68
CA PHE A 30 -21.60 -0.55 25.90
C PHE A 30 -21.12 -1.63 26.86
N HIS A 31 -20.25 -2.55 26.43
CA HIS A 31 -19.71 -3.51 27.38
C HIS A 31 -18.83 -2.75 28.37
N PRO A 32 -18.93 -3.04 29.70
CA PRO A 32 -18.16 -2.30 30.71
C PRO A 32 -16.65 -2.39 30.61
N ALA A 33 -16.16 -3.24 29.70
CA ALA A 33 -14.74 -3.57 29.64
C ALA A 33 -14.03 -2.76 28.57
N PHE A 34 -14.77 -2.06 27.71
CA PHE A 34 -14.19 -1.53 26.49
C PHE A 34 -14.28 -0.01 26.42
N ASN A 35 -13.13 0.63 26.22
CA ASN A 35 -13.08 2.04 25.85
C ASN A 35 -12.90 2.13 24.33
N LEU A 36 -14.01 2.33 23.62
CA LEU A 36 -13.98 2.42 22.17
C LEU A 36 -13.47 3.80 21.78
N LEU A 37 -12.33 3.81 21.09
CA LEU A 37 -11.60 5.04 20.78
C LEU A 37 -12.12 5.62 19.46
N GLY A 38 -12.59 4.74 18.56
CA GLY A 38 -13.18 5.16 17.30
C GLY A 38 -13.60 3.96 16.44
N ILE A 39 -14.29 4.25 15.34
CA ILE A 39 -14.70 3.25 14.37
C ILE A 39 -14.24 3.69 12.99
N SER A 40 -13.67 2.73 12.22
CA SER A 40 -13.45 2.91 10.80
C SER A 40 -14.32 1.91 10.03
N THR A 41 -14.99 2.39 8.99
CA THR A 41 -15.83 1.52 8.18
C THR A 41 -15.10 1.25 6.87
N CYS A 42 -15.04 -0.02 6.49
CA CYS A 42 -14.51 -0.41 5.19
C CYS A 42 -15.64 -0.94 4.30
N PHE A 43 -15.31 -1.09 3.02
CA PHE A 43 -16.04 -1.96 2.10
C PHE A 43 -16.19 -3.36 2.71
N GLY A 44 -17.08 -4.15 2.11
CA GLY A 44 -17.19 -5.56 2.44
C GLY A 44 -18.60 -6.09 2.19
N ASN A 45 -19.41 -6.10 3.26
CA ASN A 45 -20.77 -6.61 3.20
C ASN A 45 -21.58 -5.78 2.22
N ALA A 46 -21.40 -4.46 2.28
CA ALA A 46 -22.02 -3.52 1.36
C ALA A 46 -20.96 -2.57 0.81
N PRO A 47 -21.30 -1.68 -0.14
CA PRO A 47 -20.42 -0.58 -0.54
C PRO A 47 -19.99 0.29 0.65
N PRO A 48 -18.82 0.97 0.56
CA PRO A 48 -18.31 1.79 1.66
C PRO A 48 -19.20 2.92 2.16
N GLU A 49 -20.06 3.45 1.27
CA GLU A 49 -20.98 4.51 1.62
C GLU A 49 -22.08 3.94 2.52
N ASN A 50 -22.50 2.71 2.22
CA ASN A 50 -23.52 2.03 3.00
C ASN A 50 -22.98 1.69 4.39
N THR A 51 -21.80 1.06 4.45
CA THR A 51 -21.23 0.60 5.71
C THR A 51 -20.90 1.80 6.60
N ASP A 52 -20.61 2.95 6.00
CA ASP A 52 -20.41 4.18 6.75
C ASP A 52 -21.73 4.59 7.41
N TYR A 53 -22.77 4.77 6.60
CA TYR A 53 -24.08 5.22 7.06
C TYR A 53 -24.62 4.26 8.13
N ASN A 54 -24.52 2.96 7.84
CA ASN A 54 -25.02 1.93 8.73
C ASN A 54 -24.40 2.05 10.12
N ALA A 55 -23.10 2.36 10.16
CA ALA A 55 -22.39 2.51 11.42
C ALA A 55 -22.91 3.71 12.20
N ARG A 56 -23.07 4.84 11.50
CA ARG A 56 -23.47 6.09 12.13
C ARG A 56 -24.96 6.04 12.51
N SER A 57 -25.75 5.27 11.74
CA SER A 57 -27.15 5.08 12.06
C SER A 57 -27.30 4.34 13.39
N LEU A 58 -26.54 3.26 13.54
CA LEU A 58 -26.54 2.47 14.76
C LEU A 58 -26.17 3.34 15.96
N LEU A 59 -25.07 4.08 15.85
CA LEU A 59 -24.58 4.89 16.95
C LEU A 59 -25.61 5.95 17.34
N THR A 60 -26.28 6.52 16.33
CA THR A 60 -27.32 7.51 16.57
C THR A 60 -28.48 6.85 17.33
N ALA A 61 -28.83 5.62 16.96
CA ALA A 61 -29.91 4.91 17.63
C ALA A 61 -29.57 4.64 19.09
N MET A 62 -28.29 4.34 19.36
CA MET A 62 -27.82 3.94 20.69
C MET A 62 -27.40 5.17 21.51
N GLY A 63 -27.41 6.35 20.87
CA GLY A 63 -27.15 7.60 21.56
C GLY A 63 -25.68 7.99 21.53
N LYS A 64 -24.84 7.15 20.92
CA LYS A 64 -23.39 7.24 21.05
C LYS A 64 -22.76 8.06 19.91
N ALA A 65 -23.58 8.85 19.20
CA ALA A 65 -23.11 9.50 17.98
C ALA A 65 -22.30 10.74 18.31
N GLN A 66 -22.18 11.07 19.60
CA GLN A 66 -21.39 12.22 19.99
C GLN A 66 -20.35 11.79 21.03
N ALA A 67 -19.99 10.50 20.98
CA ALA A 67 -18.94 9.94 21.82
C ALA A 67 -17.90 9.22 20.97
N ILE A 68 -18.37 8.41 20.01
CA ILE A 68 -17.54 7.50 19.24
C ILE A 68 -17.20 8.12 17.89
N PRO A 69 -15.93 8.53 17.65
CA PRO A 69 -15.53 9.08 16.36
C PRO A 69 -15.68 8.03 15.26
N VAL A 70 -16.26 8.44 14.12
CA VAL A 70 -16.37 7.58 12.97
C VAL A 70 -15.54 8.18 11.83
N TYR A 71 -14.70 7.34 11.22
CA TYR A 71 -13.93 7.70 10.04
C TYR A 71 -14.27 6.68 8.95
N LYS A 72 -14.20 7.10 7.68
CA LYS A 72 -14.26 6.14 6.58
C LYS A 72 -12.89 5.49 6.44
N GLY A 73 -12.86 4.16 6.53
CA GLY A 73 -11.62 3.39 6.43
C GLY A 73 -11.24 3.10 4.97
N ALA A 74 -10.72 1.90 4.74
CA ALA A 74 -10.40 1.44 3.39
C ALA A 74 -11.68 1.40 2.56
N GLN A 75 -11.65 2.02 1.38
CA GLN A 75 -12.82 2.13 0.53
C GLN A 75 -12.81 1.07 -0.56
N ARG A 76 -11.74 0.26 -0.65
CA ARG A 76 -11.60 -0.73 -1.70
C ARG A 76 -10.43 -1.67 -1.39
N PRO A 77 -10.43 -2.93 -1.89
CA PRO A 77 -9.28 -3.81 -1.72
C PRO A 77 -7.99 -3.22 -2.28
N TRP A 78 -6.85 -3.75 -1.83
CA TRP A 78 -5.56 -3.34 -2.35
C TRP A 78 -5.46 -3.65 -3.84
N LYS A 79 -5.85 -4.86 -4.23
CA LYS A 79 -5.61 -5.35 -5.58
C LYS A 79 -6.91 -5.67 -6.30
N ARG A 80 -7.79 -6.47 -5.68
CA ARG A 80 -8.84 -7.14 -6.43
C ARG A 80 -10.05 -6.24 -6.59
N GLU A 81 -10.88 -6.55 -7.60
CA GLU A 81 -12.11 -5.82 -7.86
C GLU A 81 -13.08 -6.07 -6.71
N PRO A 82 -13.78 -5.03 -6.20
CA PRO A 82 -14.66 -5.22 -5.04
C PRO A 82 -15.89 -6.04 -5.40
N HIS A 83 -16.12 -7.12 -4.64
CA HIS A 83 -17.33 -7.93 -4.75
C HIS A 83 -18.00 -8.02 -3.37
N TYR A 84 -19.26 -7.57 -3.30
CA TYR A 84 -20.00 -7.47 -2.04
C TYR A 84 -20.93 -8.67 -1.92
N ALA A 85 -21.62 -8.76 -0.77
CA ALA A 85 -22.45 -9.91 -0.43
C ALA A 85 -23.91 -9.49 -0.27
N PRO A 86 -24.69 -9.30 -1.36
CA PRO A 86 -26.11 -9.01 -1.26
C PRO A 86 -26.96 -10.16 -0.71
N ASP A 87 -26.46 -11.39 -0.85
CA ASP A 87 -27.22 -12.59 -0.52
C ASP A 87 -27.51 -12.66 0.98
N ILE A 88 -26.53 -12.26 1.80
CA ILE A 88 -26.57 -12.47 3.24
C ILE A 88 -27.05 -11.20 3.96
N HIS A 89 -26.68 -10.03 3.43
CA HIS A 89 -26.84 -8.75 4.13
C HIS A 89 -27.82 -7.81 3.43
N GLY A 90 -28.17 -8.09 2.17
CA GLY A 90 -29.09 -7.25 1.41
C GLY A 90 -28.33 -6.15 0.66
N ILE A 91 -29.09 -5.16 0.13
CA ILE A 91 -28.49 -4.16 -0.74
C ILE A 91 -27.86 -3.05 0.11
N SER A 92 -28.51 -2.70 1.23
CA SER A 92 -28.02 -1.65 2.12
C SER A 92 -26.96 -2.20 3.06
N GLY A 93 -26.86 -3.53 3.15
CA GLY A 93 -25.88 -4.18 4.00
C GLY A 93 -26.37 -4.38 5.44
N LEU A 94 -27.61 -3.92 5.71
CA LEU A 94 -28.19 -4.02 7.04
C LEU A 94 -29.71 -4.07 6.92
N ASP A 95 -30.21 -4.85 5.94
CA ASP A 95 -31.63 -4.95 5.66
C ASP A 95 -32.32 -5.73 6.79
N GLY A 96 -33.65 -5.59 6.87
CA GLY A 96 -34.45 -6.39 7.78
C GLY A 96 -35.06 -5.56 8.92
N THR A 97 -34.70 -4.28 9.03
CA THR A 97 -35.16 -3.42 10.11
C THR A 97 -35.27 -1.98 9.64
N SER A 98 -36.45 -1.39 9.83
CA SER A 98 -36.70 -0.02 9.42
C SER A 98 -36.46 0.95 10.57
N LEU A 99 -35.99 0.45 11.72
CA LEU A 99 -35.86 1.25 12.93
C LEU A 99 -34.57 2.07 12.91
N LEU A 100 -33.65 1.74 12.01
CA LEU A 100 -32.37 2.43 11.91
C LEU A 100 -32.61 3.91 11.57
N PRO A 101 -32.25 4.85 12.47
CA PRO A 101 -32.53 6.27 12.26
C PRO A 101 -31.54 6.97 11.34
N LYS A 102 -31.98 8.09 10.75
CA LYS A 102 -31.07 8.92 9.98
C LYS A 102 -29.97 9.41 10.93
N PRO A 103 -28.68 9.29 10.55
CA PRO A 103 -27.58 9.58 11.46
C PRO A 103 -27.49 11.08 11.76
N THR A 104 -27.19 11.39 13.03
CA THR A 104 -27.06 12.77 13.47
C THR A 104 -25.78 13.37 12.89
N PHE A 105 -24.68 12.60 12.90
CA PHE A 105 -23.36 13.14 12.67
C PHE A 105 -22.76 12.60 11.38
N GLU A 106 -21.81 13.36 10.83
CA GLU A 106 -21.05 13.00 9.65
C GLU A 106 -19.89 12.09 10.04
N ALA A 107 -19.35 11.37 9.05
CA ALA A 107 -18.02 10.79 9.20
C ALA A 107 -17.02 11.95 9.25
N ARG A 108 -16.11 11.89 10.23
CA ARG A 108 -15.23 13.01 10.52
C ARG A 108 -14.16 13.14 9.44
N THR A 109 -13.77 14.39 9.15
CA THR A 109 -12.84 14.70 8.07
C THR A 109 -11.76 15.67 8.55
N ASP A 110 -11.54 15.73 9.88
CA ASP A 110 -10.45 16.50 10.46
C ASP A 110 -9.11 15.87 10.05
N LYS A 111 -9.14 14.56 9.76
CA LYS A 111 -7.96 13.83 9.32
C LYS A 111 -8.34 12.51 8.66
N THR A 112 -7.41 12.00 7.85
CA THR A 112 -7.44 10.66 7.29
C THR A 112 -7.68 9.65 8.42
N TYR A 113 -8.14 8.45 8.06
CA TYR A 113 -8.35 7.38 9.04
C TYR A 113 -7.02 6.88 9.57
N ILE A 114 -6.00 6.91 8.71
CA ILE A 114 -4.65 6.52 9.08
C ILE A 114 -4.18 7.43 10.21
N GLU A 115 -4.44 8.74 10.09
CA GLU A 115 -4.07 9.71 11.10
C GLU A 115 -4.84 9.51 12.41
N ALA A 116 -6.11 9.12 12.29
CA ALA A 116 -6.98 8.94 13.43
C ALA A 116 -6.56 7.69 14.22
N ILE A 117 -6.15 6.63 13.50
CA ILE A 117 -5.71 5.40 14.12
C ILE A 117 -4.33 5.63 14.75
N GLU A 118 -3.49 6.41 14.04
CA GLU A 118 -2.18 6.77 14.54
C GLU A 118 -2.32 7.45 15.90
N GLU A 119 -3.20 8.44 15.98
CA GLU A 119 -3.48 9.12 17.25
C GLU A 119 -3.85 8.10 18.32
N ALA A 120 -4.84 7.26 18.03
CA ALA A 120 -5.44 6.36 19.01
C ALA A 120 -4.40 5.38 19.58
N ILE A 121 -3.56 4.85 18.69
CA ILE A 121 -2.54 3.89 19.09
C ILE A 121 -1.54 4.56 20.04
N LEU A 122 -1.03 5.73 19.62
CA LEU A 122 0.00 6.41 20.39
C LEU A 122 -0.58 6.86 21.72
N ALA A 123 -1.84 7.30 21.68
CA ALA A 123 -2.54 7.72 22.88
C ALA A 123 -2.57 6.57 23.88
N ASN A 124 -2.78 5.35 23.38
CA ASN A 124 -2.78 4.15 24.21
C ASN A 124 -1.60 3.26 23.83
N ASN A 125 -0.41 3.87 23.83
CA ASN A 125 0.81 3.22 23.38
C ASN A 125 1.04 1.97 24.23
N GLY A 126 0.95 0.79 23.59
CA GLY A 126 1.31 -0.46 24.22
C GLY A 126 0.12 -1.20 24.82
N GLU A 127 -1.05 -0.54 24.89
CA GLU A 127 -2.22 -1.06 25.60
C GLU A 127 -3.41 -1.28 24.66
N ILE A 128 -3.38 -0.68 23.47
CA ILE A 128 -4.51 -0.72 22.55
C ILE A 128 -4.58 -2.09 21.87
N SER A 129 -5.81 -2.45 21.48
CA SER A 129 -6.06 -3.57 20.58
C SER A 129 -6.92 -3.11 19.41
N PHE A 130 -6.48 -3.47 18.20
CA PHE A 130 -7.21 -3.20 16.98
C PHE A 130 -8.12 -4.39 16.71
N VAL A 131 -9.36 -4.12 16.27
CA VAL A 131 -10.32 -5.18 16.02
C VAL A 131 -10.87 -5.04 14.59
N SER A 132 -10.55 -6.02 13.74
CA SER A 132 -11.09 -6.09 12.39
C SER A 132 -12.21 -7.12 12.33
N THR A 133 -13.41 -6.65 12.01
CA THR A 133 -14.53 -7.54 11.77
C THR A 133 -14.84 -7.55 10.26
N GLY A 134 -14.27 -6.59 9.53
CA GLY A 134 -14.30 -6.59 8.07
C GLY A 134 -12.92 -6.89 7.52
N ALA A 135 -12.72 -6.58 6.23
CA ALA A 135 -11.44 -6.79 5.56
C ALA A 135 -10.29 -6.29 6.43
N LEU A 136 -9.06 -6.68 6.06
CA LEU A 136 -7.84 -6.28 6.76
C LEU A 136 -7.18 -5.10 6.06
N THR A 137 -7.91 -4.46 5.12
CA THR A 137 -7.36 -3.44 4.24
C THR A 137 -7.01 -2.19 5.05
N THR A 138 -7.92 -1.78 5.96
CA THR A 138 -7.70 -0.61 6.77
C THR A 138 -6.39 -0.73 7.56
N LEU A 139 -6.21 -1.86 8.25
CA LEU A 139 -5.08 -2.02 9.16
C LEU A 139 -3.79 -2.25 8.37
N ALA A 140 -3.90 -2.98 7.25
CA ALA A 140 -2.74 -3.26 6.41
C ALA A 140 -2.21 -1.96 5.81
N THR A 141 -3.10 -1.00 5.55
CA THR A 141 -2.71 0.27 4.96
C THR A 141 -2.00 1.14 6.00
N VAL A 142 -2.56 1.17 7.22
CA VAL A 142 -1.96 1.92 8.32
C VAL A 142 -0.51 1.49 8.50
N PHE A 143 -0.29 0.16 8.48
CA PHE A 143 1.00 -0.44 8.78
C PHE A 143 1.98 -0.30 7.62
N ARG A 144 1.46 -0.21 6.39
CA ARG A 144 2.28 0.09 5.23
C ARG A 144 2.80 1.52 5.35
N CYS A 145 1.92 2.45 5.69
CA CYS A 145 2.21 3.86 5.64
C CYS A 145 2.98 4.30 6.89
N LYS A 146 2.57 3.76 8.05
CA LYS A 146 3.13 4.14 9.33
C LYS A 146 3.61 2.88 10.05
N PRO A 147 4.64 2.19 9.51
CA PRO A 147 5.10 0.92 10.07
C PRO A 147 5.67 0.98 11.49
N TYR A 148 6.04 2.18 11.96
CA TYR A 148 6.53 2.33 13.32
C TYR A 148 5.43 1.95 14.31
N LEU A 149 4.16 2.16 13.93
CA LEU A 149 3.01 1.98 14.80
C LEU A 149 2.81 0.52 15.20
N LYS A 150 3.40 -0.40 14.43
CA LYS A 150 3.24 -1.83 14.70
C LYS A 150 3.52 -2.11 16.16
N LYS A 151 4.66 -1.64 16.66
CA LYS A 151 5.15 -2.10 17.96
C LYS A 151 4.42 -1.38 19.10
N SER A 152 3.36 -0.63 18.79
CA SER A 152 2.58 0.04 19.80
C SER A 152 1.29 -0.73 20.12
N VAL A 153 0.76 -1.46 19.13
CA VAL A 153 -0.46 -2.22 19.30
C VAL A 153 -0.16 -3.46 20.14
N LYS A 154 -0.97 -3.72 21.17
CA LYS A 154 -0.78 -4.90 21.99
C LYS A 154 -1.30 -6.13 21.25
N TYR A 155 -2.56 -6.08 20.78
CA TYR A 155 -3.15 -7.21 20.08
C TYR A 155 -3.90 -6.71 18.85
N ILE A 156 -3.99 -7.58 17.84
CA ILE A 156 -4.87 -7.35 16.71
C ILE A 156 -5.83 -8.52 16.67
N SER A 157 -7.10 -8.26 17.02
CA SER A 157 -8.11 -9.31 17.06
C SER A 157 -8.91 -9.27 15.76
N ILE A 158 -8.75 -10.32 14.95
CA ILE A 158 -9.36 -10.42 13.65
C ILE A 158 -10.43 -11.51 13.70
N MET A 159 -11.63 -11.18 13.20
CA MET A 159 -12.58 -12.20 12.80
C MET A 159 -12.38 -12.41 11.31
N GLY A 160 -11.94 -13.62 10.94
CA GLY A 160 -11.74 -13.94 9.55
C GLY A 160 -11.04 -15.28 9.37
N GLY A 161 -11.02 -15.75 8.13
CA GLY A 161 -10.39 -17.02 7.79
C GLY A 161 -11.23 -18.20 8.27
N GLY A 162 -10.95 -19.36 7.68
CA GLY A 162 -11.42 -20.65 8.14
C GLY A 162 -10.33 -21.69 7.97
N LEU A 163 -10.20 -22.57 8.97
CA LEU A 163 -9.14 -23.56 8.94
C LEU A 163 -9.64 -24.82 8.23
N HIS A 164 -8.69 -25.52 7.61
CA HIS A 164 -8.91 -26.85 7.06
C HIS A 164 -9.91 -26.80 5.91
N GLY A 165 -9.93 -25.68 5.17
CA GLY A 165 -10.76 -25.55 3.99
C GLY A 165 -12.22 -25.24 4.31
N LEU A 166 -12.48 -24.75 5.53
CA LEU A 166 -13.78 -24.22 5.90
C LEU A 166 -13.90 -22.79 5.37
N GLY A 167 -14.99 -22.49 4.66
CA GLY A 167 -15.17 -21.17 4.08
C GLY A 167 -16.58 -20.95 3.56
N ASN A 168 -16.89 -19.68 3.28
CA ASN A 168 -18.17 -19.27 2.73
C ASN A 168 -17.98 -18.57 1.38
N CYS A 169 -16.74 -18.57 0.86
CA CYS A 169 -16.42 -17.82 -0.35
C CYS A 169 -15.60 -18.66 -1.31
N ASN A 170 -15.68 -18.28 -2.60
CA ASN A 170 -14.93 -18.86 -3.69
C ASN A 170 -15.64 -20.13 -4.15
N PRO A 171 -15.30 -20.65 -5.36
CA PRO A 171 -15.95 -21.85 -5.89
C PRO A 171 -16.00 -23.08 -4.99
N ASN A 172 -15.00 -23.27 -4.12
CA ASN A 172 -14.91 -24.46 -3.29
C ASN A 172 -15.45 -24.21 -1.89
N LEU A 173 -15.93 -22.99 -1.62
CA LEU A 173 -16.23 -22.56 -0.26
C LEU A 173 -15.05 -22.88 0.66
N SER A 174 -13.83 -22.63 0.16
CA SER A 174 -12.62 -22.91 0.91
C SER A 174 -12.15 -21.66 1.64
N ALA A 175 -12.74 -20.51 1.30
CA ALA A 175 -12.27 -19.22 1.79
C ALA A 175 -13.37 -18.53 2.59
N GLU A 176 -12.97 -17.76 3.61
CA GLU A 176 -13.87 -16.93 4.38
C GLU A 176 -13.89 -15.53 3.77
N PHE A 177 -15.00 -14.81 3.96
CA PHE A 177 -15.30 -13.59 3.23
C PHE A 177 -14.25 -12.50 3.44
N ASN A 178 -13.99 -12.15 4.71
CA ASN A 178 -13.15 -11.01 5.06
C ASN A 178 -11.74 -11.16 4.49
N VAL A 179 -11.23 -12.39 4.44
CA VAL A 179 -9.93 -12.67 3.85
C VAL A 179 -10.02 -12.64 2.33
N TRP A 180 -11.09 -13.23 1.78
CA TRP A 180 -11.27 -13.41 0.36
C TRP A 180 -11.36 -12.09 -0.41
N ILE A 181 -11.93 -11.04 0.22
CA ILE A 181 -12.19 -9.77 -0.47
C ILE A 181 -10.91 -8.96 -0.58
N ASP A 182 -9.87 -9.32 0.19
CA ASP A 182 -8.57 -8.71 0.03
C ASP A 182 -7.52 -9.65 0.58
N PRO A 183 -7.07 -10.65 -0.21
CA PRO A 183 -6.06 -11.61 0.26
C PRO A 183 -4.69 -10.98 0.44
N ASP A 184 -4.42 -9.91 -0.32
CA ASP A 184 -3.13 -9.23 -0.27
C ASP A 184 -2.96 -8.58 1.10
N ALA A 185 -4.00 -7.85 1.53
CA ALA A 185 -3.99 -7.18 2.82
C ALA A 185 -3.85 -8.19 3.94
N ALA A 186 -4.49 -9.35 3.80
CA ALA A 186 -4.46 -10.38 4.82
C ALA A 186 -3.04 -10.93 4.97
N ASN A 187 -2.41 -11.27 3.83
CA ASN A 187 -1.05 -11.79 3.82
C ASN A 187 -0.09 -10.77 4.43
N TYR A 188 -0.24 -9.50 4.07
CA TYR A 188 0.66 -8.46 4.56
C TYR A 188 0.63 -8.41 6.09
N ILE A 189 -0.52 -8.77 6.68
CA ILE A 189 -0.67 -8.82 8.13
C ILE A 189 -0.08 -10.13 8.66
N PHE A 190 -0.53 -11.25 8.09
CA PHE A 190 -0.24 -12.57 8.64
C PHE A 190 1.23 -12.95 8.52
N ARG A 191 1.95 -12.35 7.56
CA ARG A 191 3.31 -12.75 7.23
C ARG A 191 4.34 -11.82 7.85
N ASP A 192 3.94 -10.57 8.14
CA ASP A 192 4.79 -9.62 8.83
C ASP A 192 5.23 -10.21 10.17
N PRO A 193 6.55 -10.35 10.44
CA PRO A 193 7.02 -10.94 11.69
C PRO A 193 6.80 -10.05 12.92
N ASP A 194 6.70 -8.75 12.70
CA ASP A 194 6.42 -7.80 13.76
C ASP A 194 5.00 -7.99 14.30
N VAL A 195 4.07 -8.34 13.41
CA VAL A 195 2.65 -8.26 13.68
C VAL A 195 2.07 -9.64 13.95
N LYS A 196 2.44 -10.64 13.13
CA LYS A 196 1.76 -11.92 13.12
C LYS A 196 1.71 -12.53 14.53
N ASP A 197 2.76 -12.27 15.32
CA ASP A 197 2.92 -12.89 16.63
C ASP A 197 1.91 -12.36 17.65
N LYS A 198 1.35 -11.17 17.39
CA LYS A 198 0.40 -10.55 18.30
C LYS A 198 -1.00 -10.51 17.67
N CYS A 199 -1.17 -11.21 16.54
CA CYS A 199 -2.47 -11.31 15.90
C CYS A 199 -3.29 -12.41 16.58
N ILE A 200 -4.58 -12.13 16.77
CA ILE A 200 -5.54 -13.10 17.25
C ILE A 200 -6.53 -13.32 16.12
N VAL A 201 -6.67 -14.58 15.69
CA VAL A 201 -7.59 -14.91 14.62
C VAL A 201 -8.70 -15.77 15.21
N VAL A 202 -9.93 -15.42 14.82
CA VAL A 202 -11.15 -16.08 15.27
C VAL A 202 -11.85 -16.59 14.02
N PRO A 203 -11.57 -17.85 13.59
CA PRO A 203 -12.02 -18.34 12.28
C PRO A 203 -13.44 -18.92 12.32
N LEU A 204 -13.94 -19.27 11.14
CA LEU A 204 -15.29 -19.81 10.99
C LEU A 204 -15.47 -21.02 11.91
N ASN A 205 -14.39 -21.79 12.07
CA ASN A 205 -14.35 -22.97 12.93
C ASN A 205 -14.90 -22.64 14.33
N LEU A 206 -14.53 -21.46 14.84
CA LEU A 206 -14.86 -21.06 16.20
C LEU A 206 -16.19 -20.29 16.23
N THR A 207 -16.35 -19.38 15.28
CA THR A 207 -17.49 -18.48 15.26
C THR A 207 -18.80 -19.22 14.99
N HIS A 208 -18.73 -20.33 14.25
CA HIS A 208 -19.92 -21.10 13.91
C HIS A 208 -20.54 -21.72 15.17
N LYS A 209 -19.87 -21.59 16.32
CA LYS A 209 -20.44 -22.00 17.60
C LYS A 209 -21.37 -20.91 18.15
N ALA A 210 -21.27 -19.68 17.64
CA ALA A 210 -21.94 -18.53 18.22
C ALA A 210 -23.33 -18.36 17.62
N ILE A 211 -24.17 -19.40 17.74
CA ILE A 211 -25.46 -19.44 17.08
C ILE A 211 -26.49 -18.70 17.93
N ALA A 212 -27.31 -17.89 17.25
CA ALA A 212 -28.39 -17.14 17.87
C ALA A 212 -29.69 -17.93 17.79
N THR A 213 -29.93 -18.77 18.80
CA THR A 213 -31.06 -19.68 18.83
C THR A 213 -32.31 -18.96 19.31
N TYR A 214 -33.41 -19.72 19.45
CA TYR A 214 -34.67 -19.17 19.94
C TYR A 214 -34.48 -18.61 21.34
N LYS A 215 -33.59 -19.25 22.11
CA LYS A 215 -33.29 -18.91 23.49
C LYS A 215 -32.63 -17.53 23.57
N VAL A 216 -31.82 -17.21 22.55
CA VAL A 216 -31.08 -15.95 22.46
C VAL A 216 -32.03 -14.82 22.04
N ASN A 217 -33.00 -15.15 21.18
CA ASN A 217 -33.93 -14.17 20.67
C ASN A 217 -34.89 -13.73 21.79
N GLU A 218 -35.32 -14.71 22.62
CA GLU A 218 -36.11 -14.45 23.80
C GLU A 218 -35.44 -13.43 24.72
N MET A 219 -34.11 -13.50 24.81
CA MET A 219 -33.35 -12.63 25.70
C MET A 219 -33.29 -11.21 25.13
N ILE A 220 -33.24 -11.08 23.80
CA ILE A 220 -33.11 -9.78 23.17
C ILE A 220 -34.43 -9.03 23.23
N TYR A 221 -35.55 -9.75 23.16
CA TYR A 221 -36.87 -9.12 23.08
C TYR A 221 -37.94 -10.01 23.72
N ASN A 222 -38.66 -9.45 24.69
CA ASN A 222 -39.64 -10.21 25.46
C ASN A 222 -40.61 -9.23 26.11
N GLU A 223 -41.62 -9.78 26.80
CA GLU A 223 -42.69 -8.97 27.38
C GLU A 223 -42.14 -8.04 28.46
N LYS A 224 -41.05 -8.44 29.13
CA LYS A 224 -40.39 -7.60 30.11
C LYS A 224 -39.58 -6.51 29.43
N ASN A 225 -38.91 -6.85 28.32
CA ASN A 225 -37.96 -5.97 27.66
C ASN A 225 -38.29 -5.84 26.18
N ASN A 226 -38.97 -4.74 25.82
CA ASN A 226 -39.49 -4.59 24.47
C ASN A 226 -39.31 -3.16 24.01
N SER A 227 -38.12 -2.61 24.25
CA SER A 227 -37.69 -1.37 23.61
C SER A 227 -37.78 -1.51 22.10
N LYS A 228 -37.85 -0.38 21.39
CA LYS A 228 -37.75 -0.36 19.95
C LYS A 228 -36.30 -0.65 19.54
N LEU A 229 -35.33 -0.23 20.39
CA LEU A 229 -33.94 -0.55 20.15
C LEU A 229 -33.74 -2.06 20.20
N ARG A 230 -34.32 -2.69 21.23
CA ARG A 230 -34.27 -4.14 21.37
C ARG A 230 -34.90 -4.81 20.14
N GLU A 231 -35.98 -4.20 19.64
CA GLU A 231 -36.67 -4.70 18.46
C GLU A 231 -35.73 -4.64 17.25
N LEU A 232 -35.02 -3.52 17.09
CA LEU A 232 -34.07 -3.35 16.01
C LEU A 232 -33.10 -4.52 15.97
N PHE A 233 -32.49 -4.82 17.11
CA PHE A 233 -31.47 -5.85 17.20
C PHE A 233 -32.08 -7.23 16.95
N LEU A 234 -33.33 -7.43 17.37
CA LEU A 234 -34.03 -8.68 17.10
C LEU A 234 -34.21 -8.84 15.58
N GLU A 235 -34.60 -7.75 14.92
CA GLU A 235 -34.95 -7.77 13.50
C GLU A 235 -33.71 -8.05 12.64
N LEU A 236 -32.53 -7.72 13.18
CA LEU A 236 -31.28 -8.03 12.52
C LEU A 236 -31.04 -9.55 12.57
N PHE A 237 -31.13 -10.11 13.79
CA PHE A 237 -30.92 -11.52 14.04
C PHE A 237 -31.85 -12.38 13.17
N GLN A 238 -33.08 -11.89 13.01
CA GLN A 238 -34.07 -12.61 12.23
C GLN A 238 -33.67 -12.63 10.76
N PHE A 239 -33.33 -11.46 10.21
CA PHE A 239 -32.97 -11.38 8.81
C PHE A 239 -31.72 -12.22 8.54
N PHE A 240 -30.75 -12.17 9.47
CA PHE A 240 -29.54 -12.95 9.34
C PHE A 240 -29.91 -14.44 9.26
N ALA A 241 -30.88 -14.85 10.10
CA ALA A 241 -31.32 -16.24 10.12
C ALA A 241 -32.02 -16.61 8.81
N HIS A 242 -32.75 -15.65 8.23
CA HIS A 242 -33.48 -15.87 6.99
C HIS A 242 -32.52 -16.19 5.86
N THR A 243 -31.28 -15.70 5.97
CA THR A 243 -30.25 -16.01 4.98
C THR A 243 -29.55 -17.33 5.32
N TYR A 244 -30.09 -18.10 6.27
CA TYR A 244 -29.67 -19.47 6.52
C TYR A 244 -30.92 -20.35 6.69
N PHE A 250 -27.55 -23.98 8.78
CA PHE A 250 -27.80 -23.88 10.24
C PHE A 250 -29.28 -23.66 10.48
N GLU A 251 -29.99 -24.75 10.82
CA GLU A 251 -31.41 -24.73 11.08
C GLU A 251 -31.65 -24.25 12.52
N SER A 252 -30.64 -24.43 13.37
CA SER A 252 -30.68 -23.97 14.76
C SER A 252 -30.75 -22.45 14.82
N GLY A 253 -30.19 -21.79 13.80
CA GLY A 253 -30.15 -20.33 13.71
C GLY A 253 -28.84 -19.87 13.08
N PRO A 254 -28.60 -18.55 12.98
CA PRO A 254 -27.38 -18.03 12.36
C PRO A 254 -26.24 -17.75 13.34
N PRO A 255 -24.98 -17.98 12.93
CA PRO A 255 -23.82 -17.60 13.76
C PRO A 255 -23.58 -16.10 13.73
N ILE A 256 -23.13 -15.54 14.86
CA ILE A 256 -22.86 -14.12 14.98
C ILE A 256 -21.36 -13.95 15.16
N HIS A 257 -20.64 -13.80 14.04
CA HIS A 257 -19.21 -14.06 13.98
C HIS A 257 -18.40 -12.96 14.68
N ASP A 258 -18.76 -11.70 14.43
CA ASP A 258 -17.87 -10.57 14.62
C ASP A 258 -17.64 -10.27 16.11
N PRO A 259 -18.68 -10.28 16.98
CA PRO A 259 -18.47 -10.00 18.40
C PRO A 259 -17.52 -10.96 19.10
N VAL A 260 -17.32 -12.15 18.50
CA VAL A 260 -16.48 -13.18 19.10
C VAL A 260 -15.04 -12.67 19.18
N ALA A 261 -14.67 -11.74 18.30
CA ALA A 261 -13.32 -11.19 18.27
C ALA A 261 -13.03 -10.35 19.52
N SER A 262 -14.08 -10.03 20.31
CA SER A 262 -13.94 -9.25 21.53
C SER A 262 -13.62 -10.12 22.73
N MET A 263 -13.92 -11.42 22.64
CA MET A 263 -13.88 -12.29 23.82
C MET A 263 -12.44 -12.55 24.24
N PRO A 264 -11.49 -12.87 23.32
CA PRO A 264 -10.10 -13.09 23.70
C PRO A 264 -9.45 -11.94 24.47
N LEU A 265 -9.92 -10.72 24.19
CA LEU A 265 -9.46 -9.52 24.87
C LEU A 265 -9.90 -9.54 26.33
N LEU A 266 -11.14 -9.99 26.58
CA LEU A 266 -11.67 -10.08 27.93
C LEU A 266 -10.84 -11.06 28.77
N GLU A 267 -10.31 -12.12 28.13
CA GLU A 267 -9.48 -13.08 28.83
C GLU A 267 -8.06 -12.54 28.98
N PHE A 268 -7.49 -12.07 27.85
CA PHE A 268 -6.08 -11.68 27.78
C PHE A 268 -5.82 -10.45 28.63
N TYR A 269 -6.66 -9.43 28.50
CA TYR A 269 -6.56 -8.24 29.35
C TYR A 269 -6.99 -8.59 30.78
N GLY A 270 -7.51 -9.80 30.98
CA GLY A 270 -7.85 -10.28 32.31
C GLY A 270 -9.06 -9.55 32.90
N TRP A 271 -10.03 -9.19 32.06
CA TRP A 271 -11.29 -8.65 32.55
C TRP A 271 -11.98 -9.68 33.43
N ASP A 272 -12.04 -10.93 32.94
CA ASP A 272 -12.52 -12.06 33.71
C ASP A 272 -11.46 -13.17 33.65
N PRO A 273 -11.55 -14.18 34.54
CA PRO A 273 -10.64 -15.32 34.49
C PRO A 273 -10.81 -16.13 33.20
N SER A 274 -9.82 -16.96 32.88
CA SER A 274 -9.89 -17.83 31.72
C SER A 274 -10.95 -18.91 31.89
N SER A 275 -11.25 -19.26 33.16
CA SER A 275 -12.32 -20.20 33.49
C SER A 275 -13.66 -19.69 32.98
N ALA A 276 -13.85 -18.37 33.06
CA ALA A 276 -15.10 -17.75 32.64
C ALA A 276 -15.15 -17.68 31.12
N VAL A 277 -14.14 -17.05 30.52
CA VAL A 277 -14.15 -16.77 29.09
C VAL A 277 -13.96 -18.10 28.34
N GLY A 278 -13.03 -18.92 28.82
CA GLY A 278 -12.83 -20.25 28.28
C GLY A 278 -12.18 -20.25 26.90
N PHE A 279 -11.47 -19.16 26.57
CA PHE A 279 -10.89 -19.00 25.25
C PHE A 279 -9.63 -19.86 25.12
N ARG A 280 -9.69 -20.85 24.23
CA ARG A 280 -8.57 -21.74 23.94
C ARG A 280 -8.09 -21.48 22.52
N TYR A 281 -6.78 -21.65 22.30
CA TYR A 281 -6.16 -21.26 21.03
C TYR A 281 -4.90 -22.07 20.77
N LYS A 282 -4.48 -22.07 19.50
CA LYS A 282 -3.18 -22.61 19.08
C LYS A 282 -2.29 -21.48 18.61
N ARG A 283 -1.01 -21.79 18.38
CA ARG A 283 -0.03 -20.87 17.79
C ARG A 283 0.39 -21.39 16.42
N MET A 284 0.12 -20.58 15.38
CA MET A 284 0.43 -20.99 14.01
C MET A 284 0.78 -19.75 13.18
N ASP A 285 1.80 -19.87 12.33
CA ASP A 285 1.96 -18.96 11.20
C ASP A 285 0.97 -19.38 10.12
N ILE A 286 0.24 -18.41 9.55
CA ILE A 286 -0.70 -18.70 8.48
C ILE A 286 -0.52 -17.69 7.35
N SER A 287 -1.00 -18.07 6.17
CA SER A 287 -1.05 -17.21 5.01
C SER A 287 -2.32 -17.51 4.23
N CYS A 288 -2.48 -16.96 3.02
CA CYS A 288 -3.64 -17.29 2.20
C CYS A 288 -3.29 -17.14 0.71
N ILE A 289 -3.99 -17.92 -0.13
CA ILE A 289 -3.82 -17.84 -1.57
C ILE A 289 -4.37 -16.49 -2.03
N ASP A 290 -3.50 -15.65 -2.61
CA ASP A 290 -3.88 -14.30 -3.00
C ASP A 290 -3.90 -14.14 -4.52
N ASP A 291 -3.62 -15.22 -5.25
CA ASP A 291 -3.96 -15.27 -6.67
C ASP A 291 -5.48 -15.36 -6.78
N VAL A 292 -6.09 -14.33 -7.38
CA VAL A 292 -7.55 -14.23 -7.46
C VAL A 292 -8.08 -15.24 -8.47
N PHE A 293 -7.30 -15.55 -9.51
CA PHE A 293 -7.73 -16.50 -10.52
C PHE A 293 -7.66 -17.94 -10.01
N ASN A 294 -7.03 -18.16 -8.85
CA ASN A 294 -6.98 -19.48 -8.24
C ASN A 294 -8.38 -19.83 -7.72
N GLU A 295 -8.75 -21.11 -7.85
CA GLU A 295 -10.08 -21.58 -7.50
C GLU A 295 -10.23 -21.62 -5.98
N ASN A 296 -9.11 -21.78 -5.26
CA ASN A 296 -9.12 -21.74 -3.81
C ASN A 296 -8.69 -20.35 -3.32
N SER A 297 -8.98 -19.32 -4.13
CA SER A 297 -8.65 -17.94 -3.78
C SER A 297 -9.10 -17.65 -2.36
N GLY A 298 -8.16 -17.21 -1.51
CA GLY A 298 -8.46 -16.76 -0.16
C GLY A 298 -8.31 -17.86 0.89
N LYS A 299 -8.29 -19.13 0.46
CA LYS A 299 -8.18 -20.23 1.40
C LYS A 299 -6.94 -20.05 2.27
N ILE A 300 -7.07 -20.36 3.56
CA ILE A 300 -5.98 -20.22 4.50
C ILE A 300 -5.01 -21.39 4.36
N ILE A 301 -3.71 -21.06 4.32
CA ILE A 301 -2.65 -22.04 4.44
C ILE A 301 -2.06 -21.93 5.84
N ILE A 302 -1.85 -23.10 6.49
CA ILE A 302 -1.12 -23.15 7.73
C ILE A 302 0.35 -23.34 7.38
N GLU A 303 1.13 -22.27 7.56
CA GLU A 303 2.55 -22.27 7.24
C GLU A 303 3.31 -23.17 8.23
N LYS A 304 3.09 -22.91 9.52
CA LYS A 304 3.88 -23.52 10.58
C LYS A 304 3.01 -23.61 11.83
N GLU A 305 3.43 -24.48 12.76
CA GLU A 305 2.72 -24.66 14.01
C GLU A 305 3.74 -24.63 15.14
N TYR A 306 3.29 -24.26 16.35
CA TYR A 306 4.20 -24.06 17.47
C TYR A 306 3.67 -24.74 18.73
N PRO A 307 4.55 -25.13 19.69
CA PRO A 307 4.09 -25.65 20.98
C PRO A 307 3.28 -24.58 21.71
N ASN A 308 2.47 -25.02 22.69
CA ASN A 308 1.44 -24.17 23.24
C ASN A 308 2.06 -23.00 24.02
N ASP A 309 3.30 -23.18 24.52
CA ASP A 309 3.98 -22.17 25.31
C ASP A 309 4.75 -21.19 24.43
N SER A 310 4.47 -21.19 23.12
CA SER A 310 5.27 -20.44 22.15
C SER A 310 4.89 -18.96 22.15
N ASP A 311 5.90 -18.10 21.94
CA ASP A 311 5.71 -16.67 21.79
C ASP A 311 5.50 -16.35 20.31
N VAL A 312 6.20 -17.09 19.44
CA VAL A 312 6.04 -16.94 18.00
C VAL A 312 4.76 -17.66 17.57
N GLY A 313 4.09 -17.12 16.55
CA GLY A 313 2.89 -17.72 15.99
C GLY A 313 1.66 -16.82 16.16
N THR A 314 0.77 -16.86 15.17
CA THR A 314 -0.51 -16.18 15.26
C THR A 314 -1.42 -16.98 16.18
N ILE A 315 -2.20 -16.27 16.99
CA ILE A 315 -3.08 -16.88 17.98
C ILE A 315 -4.40 -17.24 17.31
N ILE A 316 -4.65 -18.55 17.17
CA ILE A 316 -5.79 -19.07 16.44
C ILE A 316 -6.82 -19.62 17.43
N GLY A 317 -8.00 -19.00 17.46
CA GLY A 317 -9.09 -19.42 18.34
C GLY A 317 -9.63 -20.80 17.96
N LEU A 318 -9.97 -21.58 19.00
CA LEU A 318 -10.48 -22.92 18.81
C LEU A 318 -11.82 -23.06 19.51
N ASP A 319 -11.85 -22.79 20.82
CA ASP A 319 -13.07 -22.87 21.61
C ASP A 319 -13.14 -21.65 22.52
N LEU A 320 -14.38 -21.27 22.88
CA LEU A 320 -14.61 -20.39 24.02
C LEU A 320 -15.96 -20.76 24.63
N ASN A 321 -16.28 -20.12 25.76
CA ASN A 321 -17.53 -20.39 26.46
C ASN A 321 -18.64 -19.57 25.81
N ILE A 322 -19.56 -20.24 25.10
CA ILE A 322 -20.57 -19.57 24.32
C ILE A 322 -21.64 -19.01 25.26
N GLN A 323 -21.86 -19.66 26.39
CA GLN A 323 -22.72 -19.12 27.43
C GLN A 323 -22.22 -17.73 27.84
N TYR A 324 -20.92 -17.64 28.15
CA TYR A 324 -20.30 -16.39 28.59
C TYR A 324 -20.45 -15.31 27.52
N PHE A 325 -20.07 -15.67 26.28
CA PHE A 325 -20.19 -14.81 25.10
C PHE A 325 -21.54 -14.07 25.13
N TRP A 326 -22.62 -14.84 25.23
CA TRP A 326 -23.96 -14.28 25.14
C TRP A 326 -24.28 -13.40 26.35
N ASP A 327 -23.78 -13.79 27.54
CA ASP A 327 -23.98 -13.02 28.75
C ASP A 327 -23.39 -11.62 28.57
N GLN A 328 -22.26 -11.53 27.86
CA GLN A 328 -21.60 -10.25 27.64
C GLN A 328 -22.47 -9.39 26.72
N ILE A 329 -23.04 -10.00 25.68
CA ILE A 329 -23.82 -9.26 24.70
C ILE A 329 -25.08 -8.71 25.37
N PHE A 330 -25.71 -9.51 26.22
CA PHE A 330 -26.92 -9.10 26.90
C PHE A 330 -26.60 -7.97 27.89
N GLU A 331 -25.50 -8.11 28.63
CA GLU A 331 -25.01 -7.09 29.53
C GLU A 331 -24.94 -5.75 28.82
N ALA A 332 -24.26 -5.73 27.67
CA ALA A 332 -24.10 -4.53 26.85
C ALA A 332 -25.47 -4.02 26.41
N LEU A 333 -26.35 -4.94 26.01
CA LEU A 333 -27.63 -4.58 25.43
C LEU A 333 -28.55 -3.90 26.45
N ASN A 334 -28.40 -4.22 27.74
CA ASN A 334 -29.21 -3.61 28.79
C ASN A 334 -28.82 -2.16 29.02
N ARG A 335 -27.54 -1.84 28.75
CA ARG A 335 -27.00 -0.51 28.95
C ARG A 335 -27.35 0.36 27.74
N ALA A 336 -27.19 -0.23 26.54
CA ALA A 336 -27.61 0.38 25.29
C ALA A 336 -29.07 0.81 25.40
N ASP A 337 -29.87 -0.05 26.04
CA ASP A 337 -31.31 0.15 26.15
C ASP A 337 -31.59 1.47 26.88
N LYS A 338 -30.71 1.83 27.82
CA LYS A 338 -30.89 3.02 28.63
C LYS A 338 -30.57 4.28 27.82
N MET A 339 -29.88 4.13 26.68
CA MET A 339 -29.41 5.26 25.90
C MET A 339 -30.12 5.32 24.54
N SER A 340 -31.09 4.42 24.33
CA SER A 340 -31.85 4.34 23.09
C SER A 340 -32.49 5.69 22.76
N THR A 341 -32.40 6.10 21.48
CA THR A 341 -32.93 7.38 21.04
C THR A 341 -34.13 7.20 20.12
N ILE A 342 -34.62 5.96 19.99
CA ILE A 342 -35.68 5.63 19.05
C ILE A 342 -36.85 4.99 19.78
N GLY A 343 -36.91 5.19 21.10
CA GLY A 343 -37.89 4.51 21.93
C GLY A 343 -37.46 3.09 22.25
N SER B 7 10.89 29.52 -12.94
CA SER B 7 12.08 29.78 -13.79
C SER B 7 13.06 28.60 -13.78
N LYS B 8 12.77 27.56 -12.98
CA LYS B 8 13.61 26.38 -12.92
C LYS B 8 12.75 25.19 -12.47
N ILE B 9 12.86 24.06 -13.18
CA ILE B 9 11.92 22.96 -13.08
C ILE B 9 12.16 22.20 -11.77
N PRO B 10 11.26 22.28 -10.77
CA PRO B 10 11.43 21.57 -9.51
C PRO B 10 11.11 20.08 -9.66
N ILE B 11 11.97 19.21 -9.13
CA ILE B 11 11.83 17.78 -9.33
C ILE B 11 12.16 17.03 -8.05
N TRP B 12 11.53 15.86 -7.92
CA TRP B 12 11.98 14.83 -7.00
C TRP B 12 12.47 13.64 -7.82
N LEU B 13 13.59 13.05 -7.38
CA LEU B 13 14.16 11.90 -8.06
C LEU B 13 14.09 10.67 -7.15
N ASP B 14 13.36 9.65 -7.62
CA ASP B 14 13.42 8.31 -7.06
C ASP B 14 14.21 7.42 -8.01
N CYS B 15 15.32 6.86 -7.51
CA CYS B 15 16.27 6.12 -8.34
C CYS B 15 16.92 4.98 -7.57
N ASP B 16 17.61 4.10 -8.30
CA ASP B 16 18.26 2.92 -7.74
C ASP B 16 19.66 2.79 -8.36
N PRO B 17 20.61 3.71 -8.06
CA PRO B 17 21.88 3.76 -8.77
C PRO B 17 22.75 2.52 -8.59
N GLY B 18 23.14 1.85 -9.69
CA GLY B 18 22.62 2.10 -11.03
C GLY B 18 23.51 3.04 -11.84
N HIS B 19 24.08 2.50 -12.93
CA HIS B 19 25.00 3.23 -13.78
C HIS B 19 24.30 4.38 -14.49
N ASP B 20 23.17 4.08 -15.13
CA ASP B 20 22.41 5.09 -15.87
C ASP B 20 21.73 6.06 -14.91
N ASP B 21 21.40 5.58 -13.70
CA ASP B 21 20.77 6.40 -12.68
C ASP B 21 21.73 7.48 -12.21
N ALA B 22 23.04 7.16 -12.19
CA ALA B 22 24.07 8.10 -11.79
C ALA B 22 24.06 9.34 -12.68
N ILE B 23 23.71 9.15 -13.96
CA ILE B 23 23.66 10.24 -14.93
C ILE B 23 22.39 11.04 -14.73
N ALA B 24 21.32 10.38 -14.28
CA ALA B 24 20.08 11.04 -13.92
C ALA B 24 20.36 12.04 -12.80
N ILE B 25 21.12 11.61 -11.78
CA ILE B 25 21.48 12.45 -10.66
C ILE B 25 22.30 13.65 -11.16
N LEU B 26 23.25 13.38 -12.06
CA LEU B 26 24.12 14.41 -12.62
C LEU B 26 23.29 15.51 -13.29
N LEU B 27 22.29 15.10 -14.09
CA LEU B 27 21.43 16.05 -14.78
C LEU B 27 20.69 16.89 -13.76
N GLY B 28 19.98 16.21 -12.83
CA GLY B 28 19.14 16.89 -11.86
C GLY B 28 19.92 17.79 -10.91
N CYS B 29 21.19 17.42 -10.64
CA CYS B 29 22.05 18.20 -9.77
C CYS B 29 22.59 19.43 -10.51
N PHE B 30 22.94 19.27 -11.79
CA PHE B 30 23.83 20.23 -12.43
C PHE B 30 23.28 20.80 -13.74
N HIS B 31 22.23 20.22 -14.32
CA HIS B 31 21.66 20.84 -15.50
C HIS B 31 21.02 22.16 -15.08
N PRO B 32 21.20 23.26 -15.86
CA PRO B 32 20.68 24.58 -15.47
C PRO B 32 19.17 24.69 -15.35
N ALA B 33 18.44 23.63 -15.72
CA ALA B 33 17.00 23.68 -15.84
C ALA B 33 16.32 23.11 -14.59
N PHE B 34 17.07 22.44 -13.72
CA PHE B 34 16.46 21.59 -12.72
C PHE B 34 16.82 22.03 -11.31
N ASN B 35 15.76 22.25 -10.51
CA ASN B 35 15.90 22.42 -9.07
C ASN B 35 15.57 21.09 -8.39
N LEU B 36 16.62 20.31 -8.07
CA LEU B 36 16.46 19.03 -7.43
C LEU B 36 16.15 19.25 -5.95
N LEU B 37 14.96 18.82 -5.55
CA LEU B 37 14.42 19.06 -4.22
C LEU B 37 14.88 17.98 -3.25
N GLY B 38 15.10 16.77 -3.77
CA GLY B 38 15.61 15.66 -2.99
C GLY B 38 15.73 14.39 -3.82
N ILE B 39 16.34 13.36 -3.22
CA ILE B 39 16.47 12.05 -3.83
C ILE B 39 15.94 10.99 -2.85
N SER B 40 15.15 10.05 -3.39
CA SER B 40 14.81 8.82 -2.69
C SER B 40 15.42 7.64 -3.43
N THR B 41 16.05 6.75 -2.67
CA THR B 41 16.65 5.56 -3.25
C THR B 41 15.76 4.37 -2.94
N CYS B 42 15.47 3.58 -3.96
CA CYS B 42 14.74 2.34 -3.78
C CYS B 42 15.65 1.14 -4.06
N PHE B 43 15.16 -0.05 -3.71
CA PHE B 43 15.64 -1.31 -4.24
C PHE B 43 15.61 -1.26 -5.77
N GLY B 44 16.28 -2.24 -6.39
CA GLY B 44 16.19 -2.44 -7.83
C GLY B 44 17.46 -3.09 -8.39
N ASN B 45 18.36 -2.24 -8.89
CA ASN B 45 19.61 -2.70 -9.49
C ASN B 45 20.43 -3.43 -8.44
N ALA B 46 20.48 -2.87 -7.23
CA ALA B 46 21.14 -3.50 -6.11
C ALA B 46 20.20 -3.49 -4.91
N PRO B 47 20.58 -4.12 -3.77
CA PRO B 47 19.85 -3.95 -2.51
C PRO B 47 19.72 -2.48 -2.10
N PRO B 48 18.69 -2.13 -1.29
CA PRO B 48 18.45 -0.75 -0.87
C PRO B 48 19.58 -0.05 -0.12
N GLU B 49 20.41 -0.83 0.59
CA GLU B 49 21.55 -0.30 1.32
C GLU B 49 22.61 0.18 0.32
N ASN B 50 22.76 -0.58 -0.76
CA ASN B 50 23.73 -0.26 -1.80
C ASN B 50 23.30 0.98 -2.56
N THR B 51 22.03 1.01 -3.01
CA THR B 51 21.53 2.10 -3.82
C THR B 51 21.50 3.40 -3.01
N ASP B 52 21.35 3.29 -1.68
CA ASP B 52 21.45 4.44 -0.81
C ASP B 52 22.88 4.99 -0.84
N TYR B 53 23.85 4.13 -0.50
CA TYR B 53 25.26 4.49 -0.40
C TYR B 53 25.73 5.06 -1.74
N ASN B 54 25.39 4.37 -2.82
CA ASN B 54 25.79 4.75 -4.17
C ASN B 54 25.35 6.17 -4.47
N ALA B 55 24.13 6.53 -4.05
CA ALA B 55 23.59 7.86 -4.30
C ALA B 55 24.39 8.90 -3.54
N ARG B 56 24.65 8.64 -2.25
CA ARG B 56 25.33 9.59 -1.39
C ARG B 56 26.81 9.67 -1.73
N SER B 57 27.38 8.58 -2.25
CA SER B 57 28.76 8.58 -2.71
C SER B 57 28.91 9.52 -3.90
N LEU B 58 27.99 9.40 -4.87
CA LEU B 58 27.98 10.25 -6.05
C LEU B 58 27.91 11.72 -5.66
N LEU B 59 26.94 12.05 -4.80
CA LEU B 59 26.70 13.43 -4.40
C LEU B 59 27.94 13.98 -3.71
N THR B 60 28.59 13.16 -2.88
CA THR B 60 29.79 13.56 -2.18
C THR B 60 30.91 13.85 -3.19
N ALA B 61 31.02 13.02 -4.23
CA ALA B 61 32.03 13.21 -5.27
C ALA B 61 31.80 14.52 -6.02
N MET B 62 30.52 14.86 -6.24
CA MET B 62 30.13 16.01 -7.04
C MET B 62 30.01 17.26 -6.18
N GLY B 63 30.13 17.10 -4.86
CA GLY B 63 30.14 18.21 -3.93
C GLY B 63 28.73 18.56 -3.43
N LYS B 64 27.72 17.83 -3.88
CA LYS B 64 26.32 18.20 -3.68
C LYS B 64 25.72 17.54 -2.42
N ALA B 65 26.56 17.01 -1.54
CA ALA B 65 26.10 16.27 -0.38
C ALA B 65 25.69 17.24 0.73
N GLN B 66 25.72 18.53 0.42
CA GLN B 66 25.37 19.57 1.36
C GLN B 66 24.19 20.38 0.84
N ALA B 67 23.55 19.88 -0.23
CA ALA B 67 22.49 20.61 -0.91
C ALA B 67 21.25 19.71 -1.12
N ILE B 68 21.48 18.48 -1.56
CA ILE B 68 20.43 17.59 -2.02
C ILE B 68 20.06 16.61 -0.90
N PRO B 69 18.85 16.74 -0.29
CA PRO B 69 18.41 15.79 0.74
C PRO B 69 18.27 14.38 0.17
N VAL B 70 18.79 13.40 0.91
CA VAL B 70 18.66 12.00 0.52
C VAL B 70 17.82 11.29 1.58
N TYR B 71 16.79 10.58 1.11
CA TYR B 71 15.97 9.73 1.96
C TYR B 71 16.02 8.31 1.39
N LYS B 72 15.89 7.30 2.26
CA LYS B 72 15.69 5.95 1.78
C LYS B 72 14.22 5.78 1.39
N GLY B 73 14.00 5.40 0.14
CA GLY B 73 12.65 5.24 -0.40
C GLY B 73 12.07 3.87 -0.08
N ALA B 74 11.33 3.32 -1.05
CA ALA B 74 10.79 1.97 -0.94
C ALA B 74 11.95 0.99 -0.81
N GLN B 75 11.90 0.11 0.21
CA GLN B 75 12.98 -0.82 0.49
C GLN B 75 12.67 -2.19 -0.10
N ARG B 76 11.48 -2.37 -0.68
CA ARG B 76 11.07 -3.67 -1.19
C ARG B 76 9.80 -3.51 -2.04
N PRO B 77 9.54 -4.43 -3.00
CA PRO B 77 8.29 -4.41 -3.77
C PRO B 77 7.06 -4.48 -2.87
N TRP B 78 5.91 -4.10 -3.41
CA TRP B 78 4.66 -4.24 -2.69
C TRP B 78 4.37 -5.71 -2.37
N LYS B 79 4.52 -6.57 -3.39
CA LYS B 79 4.06 -7.94 -3.29
C LYS B 79 5.19 -8.94 -3.49
N ARG B 80 5.97 -8.78 -4.57
CA ARG B 80 6.79 -9.87 -5.06
C ARG B 80 8.14 -9.91 -4.32
N GLU B 81 8.78 -11.07 -4.37
CA GLU B 81 10.10 -11.32 -3.81
C GLU B 81 11.11 -10.40 -4.49
N PRO B 82 12.02 -9.73 -3.75
CA PRO B 82 13.00 -8.83 -4.38
C PRO B 82 14.04 -9.63 -5.17
N HIS B 83 14.16 -9.31 -6.47
CA HIS B 83 15.15 -9.91 -7.34
C HIS B 83 15.94 -8.79 -8.02
N TYR B 84 17.26 -8.77 -7.80
CA TYR B 84 18.13 -7.70 -8.24
C TYR B 84 18.86 -8.15 -9.51
N ALA B 85 19.65 -7.23 -10.08
CA ALA B 85 20.29 -7.45 -11.37
C ALA B 85 21.80 -7.38 -11.24
N PRO B 86 22.47 -8.47 -10.79
CA PRO B 86 23.95 -8.52 -10.75
C PRO B 86 24.61 -8.52 -12.14
N ASP B 87 23.87 -8.98 -13.16
CA ASP B 87 24.42 -9.20 -14.49
C ASP B 87 24.88 -7.88 -15.12
N ILE B 88 24.09 -6.81 -14.92
CA ILE B 88 24.26 -5.57 -15.65
C ILE B 88 25.03 -4.55 -14.78
N HIS B 89 24.82 -4.59 -13.46
CA HIS B 89 25.27 -3.53 -12.56
C HIS B 89 26.31 -4.03 -11.55
N GLY B 90 26.46 -5.34 -11.39
CA GLY B 90 27.41 -5.92 -10.44
C GLY B 90 26.80 -6.10 -9.06
N ILE B 91 27.65 -6.33 -8.06
CA ILE B 91 27.24 -6.69 -6.72
C ILE B 91 26.82 -5.43 -5.95
N SER B 92 27.63 -4.37 -6.11
CA SER B 92 27.43 -3.12 -5.41
C SER B 92 26.39 -2.26 -6.13
N GLY B 93 26.07 -2.63 -7.38
CA GLY B 93 25.10 -1.92 -8.18
C GLY B 93 25.72 -0.74 -8.95
N LEU B 94 27.03 -0.53 -8.77
CA LEU B 94 27.75 0.56 -9.40
C LEU B 94 29.22 0.18 -9.57
N ASP B 95 29.45 -1.07 -10.02
CA ASP B 95 30.79 -1.60 -10.19
C ASP B 95 31.46 -0.93 -11.38
N GLY B 96 32.79 -1.03 -11.44
CA GLY B 96 33.56 -0.59 -12.60
C GLY B 96 34.41 0.66 -12.32
N THR B 97 34.28 1.27 -11.14
CA THR B 97 34.99 2.48 -10.79
C THR B 97 35.29 2.54 -9.30
N SER B 98 36.56 2.74 -8.95
CA SER B 98 36.99 2.81 -7.57
C SER B 98 37.01 4.25 -7.06
N LEU B 99 36.57 5.20 -7.89
CA LEU B 99 36.72 6.61 -7.58
C LEU B 99 35.61 7.10 -6.65
N LEU B 100 34.53 6.30 -6.53
CA LEU B 100 33.40 6.65 -5.70
C LEU B 100 33.84 6.82 -4.24
N PRO B 101 33.73 8.04 -3.65
CA PRO B 101 34.24 8.30 -2.31
C PRO B 101 33.28 7.86 -1.20
N LYS B 102 33.84 7.67 -0.01
CA LYS B 102 33.04 7.43 1.18
C LYS B 102 32.13 8.63 1.38
N PRO B 103 30.80 8.43 1.57
CA PRO B 103 29.87 9.55 1.62
C PRO B 103 30.04 10.39 2.89
N THR B 104 29.91 11.70 2.72
CA THR B 104 30.00 12.68 3.80
C THR B 104 28.82 12.51 4.74
N PHE B 105 27.63 12.41 4.15
CA PHE B 105 26.38 12.57 4.88
C PHE B 105 25.61 11.26 4.96
N GLU B 106 24.75 11.17 5.98
CA GLU B 106 23.84 10.06 6.19
C GLU B 106 22.59 10.29 5.34
N ALA B 107 21.82 9.22 5.10
CA ALA B 107 20.45 9.36 4.66
C ALA B 107 19.66 9.98 5.82
N ARG B 108 18.86 11.00 5.53
CA ARG B 108 18.20 11.80 6.56
C ARG B 108 17.06 11.00 7.18
N THR B 109 16.85 11.20 8.49
CA THR B 109 15.88 10.45 9.26
C THR B 109 15.00 11.38 10.11
N ASP B 110 14.93 12.66 9.71
CA ASP B 110 14.06 13.64 10.34
C ASP B 110 12.61 13.28 10.06
N LYS B 111 12.38 12.55 8.96
CA LYS B 111 11.06 12.09 8.57
C LYS B 111 11.15 10.95 7.56
N THR B 112 10.06 10.18 7.48
CA THR B 112 9.84 9.19 6.45
C THR B 112 10.01 9.85 5.08
N TYR B 113 10.24 9.02 4.05
CA TYR B 113 10.38 9.52 2.68
C TYR B 113 9.04 10.05 2.18
N ILE B 114 7.95 9.43 2.65
CA ILE B 114 6.60 9.86 2.32
C ILE B 114 6.42 11.30 2.77
N GLU B 115 6.88 11.60 4.00
CA GLU B 115 6.78 12.94 4.56
C GLU B 115 7.64 13.95 3.81
N ALA B 116 8.81 13.49 3.34
CA ALA B 116 9.75 14.36 2.65
C ALA B 116 9.22 14.70 1.26
N ILE B 117 8.59 13.73 0.60
CA ILE B 117 8.02 13.95 -0.73
C ILE B 117 6.77 14.80 -0.60
N GLU B 118 5.99 14.56 0.47
CA GLU B 118 4.81 15.35 0.76
C GLU B 118 5.20 16.82 0.86
N GLU B 119 6.24 17.12 1.65
CA GLU B 119 6.76 18.47 1.78
C GLU B 119 7.07 19.05 0.41
N ALA B 120 7.87 18.33 -0.38
CA ALA B 120 8.41 18.85 -1.63
C ALA B 120 7.30 19.19 -2.62
N ILE B 121 6.30 18.31 -2.71
CA ILE B 121 5.18 18.50 -3.62
C ILE B 121 4.42 19.77 -3.23
N LEU B 122 4.05 19.88 -1.95
CA LEU B 122 3.24 20.98 -1.46
C LEU B 122 4.03 22.28 -1.59
N ALA B 123 5.33 22.20 -1.31
CA ALA B 123 6.21 23.34 -1.45
C ALA B 123 6.17 23.87 -2.88
N ASN B 124 6.12 22.95 -3.84
CA ASN B 124 6.01 23.29 -5.26
C ASN B 124 4.67 22.82 -5.81
N ASN B 125 3.61 23.23 -5.12
CA ASN B 125 2.26 22.80 -5.42
C ASN B 125 1.92 23.19 -6.86
N GLY B 126 1.74 22.18 -7.71
CA GLY B 126 1.25 22.38 -9.07
C GLY B 126 2.37 22.49 -10.10
N GLU B 127 3.63 22.58 -9.64
CA GLU B 127 4.77 22.88 -10.50
C GLU B 127 5.79 21.74 -10.52
N ILE B 128 5.72 20.84 -9.53
CA ILE B 128 6.71 19.79 -9.37
C ILE B 128 6.49 18.69 -10.39
N SER B 129 7.59 18.01 -10.73
CA SER B 129 7.55 16.75 -11.46
C SER B 129 8.34 15.69 -10.70
N PHE B 130 7.72 14.52 -10.54
CA PHE B 130 8.35 13.37 -9.92
C PHE B 130 9.01 12.55 -11.01
N VAL B 131 10.23 12.04 -10.74
CA VAL B 131 10.97 11.29 -11.74
C VAL B 131 11.38 9.94 -11.14
N SER B 132 10.81 8.85 -11.70
CA SER B 132 11.18 7.49 -11.32
C SER B 132 12.11 6.90 -12.38
N THR B 133 13.33 6.59 -11.96
CA THR B 133 14.27 5.87 -12.80
C THR B 133 14.42 4.44 -12.29
N GLY B 134 13.94 4.18 -11.07
CA GLY B 134 13.80 2.84 -10.53
C GLY B 134 12.34 2.45 -10.45
N ALA B 135 12.05 1.41 -9.64
CA ALA B 135 10.70 0.92 -9.44
C ALA B 135 9.75 2.09 -9.17
N LEU B 136 8.44 1.80 -9.26
CA LEU B 136 7.40 2.79 -9.02
C LEU B 136 6.87 2.66 -7.59
N THR B 137 7.59 1.91 -6.75
CA THR B 137 7.13 1.54 -5.42
C THR B 137 7.07 2.77 -4.52
N THR B 138 8.11 3.60 -4.58
CA THR B 138 8.18 4.81 -3.77
C THR B 138 6.96 5.70 -4.03
N LEU B 139 6.67 5.97 -5.31
CA LEU B 139 5.63 6.92 -5.67
C LEU B 139 4.24 6.31 -5.44
N ALA B 140 4.11 5.00 -5.72
CA ALA B 140 2.83 4.31 -5.54
C ALA B 140 2.46 4.28 -4.06
N THR B 141 3.47 4.23 -3.17
CA THR B 141 3.21 4.19 -1.74
C THR B 141 2.78 5.57 -1.24
N VAL B 142 3.45 6.61 -1.72
CA VAL B 142 3.11 7.98 -1.37
C VAL B 142 1.64 8.22 -1.68
N PHE B 143 1.21 7.78 -2.87
CA PHE B 143 -0.13 8.05 -3.39
C PHE B 143 -1.19 7.17 -2.72
N ARG B 144 -0.80 5.99 -2.24
CA ARG B 144 -1.67 5.14 -1.44
C ARG B 144 -1.95 5.83 -0.10
N CYS B 145 -0.88 6.34 0.52
CA CYS B 145 -0.96 6.82 1.89
C CYS B 145 -1.49 8.26 1.91
N LYS B 146 -1.06 9.07 0.94
CA LYS B 146 -1.40 10.47 0.88
C LYS B 146 -2.02 10.78 -0.47
N PRO B 147 -3.20 10.19 -0.81
CA PRO B 147 -3.79 10.35 -2.14
C PRO B 147 -4.19 11.77 -2.54
N TYR B 148 -4.32 12.66 -1.55
CA TYR B 148 -4.64 14.05 -1.84
C TYR B 148 -3.53 14.68 -2.68
N LEU B 149 -2.28 14.21 -2.50
CA LEU B 149 -1.10 14.78 -3.10
C LEU B 149 -1.08 14.62 -4.63
N LYS B 150 -1.87 13.66 -5.13
CA LYS B 150 -1.93 13.39 -6.56
C LYS B 150 -2.08 14.69 -7.33
N LYS B 151 -3.07 15.50 -6.97
CA LYS B 151 -3.47 16.63 -7.79
C LYS B 151 -2.51 17.81 -7.66
N SER B 152 -1.38 17.62 -6.97
CA SER B 152 -0.38 18.67 -6.82
C SER B 152 0.79 18.48 -7.80
N VAL B 153 1.07 17.22 -8.16
CA VAL B 153 2.16 16.92 -9.07
C VAL B 153 1.74 17.30 -10.49
N LYS B 154 2.61 18.03 -11.21
CA LYS B 154 2.30 18.41 -12.59
C LYS B 154 2.52 17.21 -13.51
N TYR B 155 3.71 16.59 -13.43
CA TYR B 155 4.03 15.45 -14.27
C TYR B 155 4.73 14.37 -13.46
N ILE B 156 4.55 13.12 -13.89
CA ILE B 156 5.33 12.02 -13.38
C ILE B 156 6.09 11.43 -14.56
N SER B 157 7.42 11.64 -14.59
CA SER B 157 8.23 11.14 -15.69
C SER B 157 8.89 9.84 -15.26
N ILE B 158 8.48 8.75 -15.91
CA ILE B 158 8.92 7.41 -15.59
C ILE B 158 9.79 6.90 -16.73
N MET B 159 10.96 6.35 -16.39
CA MET B 159 11.68 5.49 -17.31
C MET B 159 11.29 4.07 -16.94
N GLY B 160 10.62 3.39 -17.86
CA GLY B 160 10.23 2.01 -17.63
C GLY B 160 9.32 1.48 -18.73
N GLY B 161 9.09 0.17 -18.69
CA GLY B 161 8.24 -0.50 -19.65
C GLY B 161 8.91 -0.62 -21.01
N GLY B 162 8.37 -1.55 -21.81
CA GLY B 162 8.67 -1.63 -23.22
C GLY B 162 7.41 -1.99 -24.00
N LEU B 163 7.25 -1.38 -25.17
CA LEU B 163 6.06 -1.59 -25.98
C LEU B 163 6.29 -2.78 -26.92
N HIS B 164 5.18 -3.47 -27.23
CA HIS B 164 5.14 -4.47 -28.29
C HIS B 164 6.02 -5.67 -27.93
N GLY B 165 6.13 -5.96 -26.62
CA GLY B 165 6.84 -7.12 -26.13
C GLY B 165 8.37 -6.93 -26.12
N LEU B 166 8.81 -5.67 -26.15
CA LEU B 166 10.22 -5.35 -25.96
C LEU B 166 10.49 -5.33 -24.46
N GLY B 167 11.54 -6.04 -24.02
CA GLY B 167 11.84 -6.13 -22.60
C GLY B 167 13.21 -6.75 -22.35
N ASN B 168 13.69 -6.60 -21.11
CA ASN B 168 14.95 -7.18 -20.68
C ASN B 168 14.73 -8.15 -19.53
N CYS B 169 13.47 -8.42 -19.17
CA CYS B 169 13.12 -9.21 -18.00
C CYS B 169 12.07 -10.27 -18.31
N ASN B 170 12.07 -11.31 -17.49
CA ASN B 170 11.11 -12.42 -17.54
C ASN B 170 11.54 -13.40 -18.61
N PRO B 171 10.98 -14.64 -18.61
CA PRO B 171 11.35 -15.68 -19.58
C PRO B 171 11.31 -15.28 -21.06
N ASN B 172 10.40 -14.38 -21.44
CA ASN B 172 10.21 -14.03 -22.85
C ASN B 172 10.95 -12.73 -23.19
N LEU B 173 11.65 -12.13 -22.22
CA LEU B 173 12.16 -10.78 -22.36
C LEU B 173 11.06 -9.85 -22.86
N SER B 174 9.85 -10.02 -22.32
CA SER B 174 8.70 -9.23 -22.73
C SER B 174 8.52 -8.04 -21.81
N ALA B 175 9.24 -8.04 -20.67
CA ALA B 175 9.05 -7.06 -19.63
C ALA B 175 10.34 -6.26 -19.42
N GLU B 176 10.18 -4.98 -19.03
CA GLU B 176 11.29 -4.13 -18.66
C GLU B 176 11.47 -4.20 -17.15
N PHE B 177 12.70 -3.94 -16.68
CA PHE B 177 13.11 -4.24 -15.31
C PHE B 177 12.28 -3.48 -14.27
N ASN B 178 12.23 -2.15 -14.39
CA ASN B 178 11.63 -1.29 -13.38
C ASN B 178 10.16 -1.63 -13.14
N VAL B 179 9.44 -2.02 -14.20
CA VAL B 179 8.06 -2.45 -14.09
C VAL B 179 7.99 -3.86 -13.50
N TRP B 180 8.89 -4.74 -13.96
CA TRP B 180 8.88 -6.16 -13.62
C TRP B 180 9.10 -6.40 -12.13
N ILE B 181 9.90 -5.56 -11.47
CA ILE B 181 10.28 -5.79 -10.08
C ILE B 181 9.15 -5.39 -9.13
N ASP B 182 8.16 -4.65 -9.63
CA ASP B 182 6.96 -4.38 -8.85
C ASP B 182 5.82 -4.03 -9.81
N PRO B 183 5.13 -5.03 -10.40
CA PRO B 183 4.05 -4.78 -11.34
C PRO B 183 2.81 -4.18 -10.67
N ASP B 184 2.65 -4.46 -9.38
CA ASP B 184 1.50 -3.99 -8.62
C ASP B 184 1.59 -2.46 -8.51
N ALA B 185 2.78 -1.98 -8.10
CA ALA B 185 3.02 -0.56 -7.96
C ALA B 185 2.82 0.15 -9.29
N ALA B 186 3.25 -0.48 -10.39
CA ALA B 186 3.15 0.10 -11.71
C ALA B 186 1.69 0.27 -12.11
N ASN B 187 0.89 -0.79 -11.94
CA ASN B 187 -0.53 -0.77 -12.26
C ASN B 187 -1.25 0.30 -11.44
N TYR B 188 -0.93 0.39 -10.15
CA TYR B 188 -1.57 1.35 -9.27
C TYR B 188 -1.37 2.78 -9.79
N ILE B 189 -0.24 3.01 -10.47
CA ILE B 189 0.06 4.29 -11.07
C ILE B 189 -0.67 4.42 -12.41
N PHE B 190 -0.48 3.43 -13.29
CA PHE B 190 -0.91 3.52 -14.67
C PHE B 190 -2.43 3.51 -14.82
N ARG B 191 -3.15 2.94 -13.83
CA ARG B 191 -4.57 2.71 -13.95
C ARG B 191 -5.38 3.76 -13.19
N ASP B 192 -4.75 4.39 -12.19
CA ASP B 192 -5.37 5.50 -11.47
C ASP B 192 -5.74 6.59 -12.48
N PRO B 193 -7.02 7.01 -12.57
CA PRO B 193 -7.43 8.04 -13.54
C PRO B 193 -6.92 9.44 -13.21
N ASP B 194 -6.66 9.67 -11.91
CA ASP B 194 -6.14 10.94 -11.44
C ASP B 194 -4.71 11.14 -11.94
N VAL B 195 -3.95 10.04 -12.04
CA VAL B 195 -2.52 10.11 -12.23
C VAL B 195 -2.15 9.79 -13.68
N LYS B 196 -2.76 8.75 -14.26
CA LYS B 196 -2.30 8.18 -15.52
C LYS B 196 -2.19 9.25 -16.62
N ASP B 197 -3.08 10.25 -16.56
CA ASP B 197 -3.19 11.26 -17.61
C ASP B 197 -2.01 12.23 -17.59
N LYS B 198 -1.31 12.32 -16.46
CA LYS B 198 -0.16 13.21 -16.32
C LYS B 198 1.14 12.41 -16.22
N CYS B 199 1.07 11.10 -16.47
CA CYS B 199 2.26 10.27 -16.47
C CYS B 199 2.95 10.37 -17.82
N ILE B 200 4.29 10.45 -17.77
CA ILE B 200 5.13 10.37 -18.95
C ILE B 200 5.93 9.09 -18.86
N VAL B 201 5.82 8.23 -19.86
CA VAL B 201 6.56 6.98 -19.89
C VAL B 201 7.59 7.05 -21.02
N VAL B 202 8.81 6.60 -20.70
CA VAL B 202 9.94 6.60 -21.61
C VAL B 202 10.41 5.15 -21.72
N PRO B 203 9.87 4.36 -22.68
CA PRO B 203 10.11 2.92 -22.72
C PRO B 203 11.40 2.52 -23.41
N LEU B 204 11.70 1.22 -23.37
CA LEU B 204 12.93 0.69 -23.96
C LEU B 204 13.01 1.09 -25.43
N ASN B 205 11.83 1.13 -26.08
CA ASN B 205 11.69 1.52 -27.48
C ASN B 205 12.41 2.84 -27.76
N LEU B 206 12.30 3.79 -26.82
CA LEU B 206 12.83 5.13 -27.00
C LEU B 206 14.26 5.22 -26.46
N THR B 207 14.48 4.65 -25.27
CA THR B 207 15.74 4.79 -24.56
C THR B 207 16.88 4.10 -25.30
N HIS B 208 16.57 3.01 -26.03
CA HIS B 208 17.57 2.26 -26.77
C HIS B 208 18.23 3.10 -27.85
N LYS B 209 17.71 4.32 -28.09
CA LYS B 209 18.34 5.26 -29.01
C LYS B 209 19.48 6.01 -28.32
N ALA B 210 19.53 5.99 -26.99
CA ALA B 210 20.45 6.82 -26.22
C ALA B 210 21.78 6.12 -26.00
N ILE B 211 22.45 5.74 -27.11
CA ILE B 211 23.64 4.91 -27.05
C ILE B 211 24.86 5.79 -26.81
N ALA B 212 25.72 5.31 -25.91
CA ALA B 212 26.97 5.98 -25.55
C ALA B 212 28.11 5.41 -26.39
N THR B 213 28.33 6.02 -27.57
CA THR B 213 29.29 5.54 -28.54
C THR B 213 30.70 6.01 -28.16
N TYR B 214 31.68 5.67 -28.99
CA TYR B 214 33.06 6.09 -28.77
C TYR B 214 33.14 7.61 -28.78
N LYS B 215 32.28 8.23 -29.59
CA LYS B 215 32.24 9.68 -29.76
C LYS B 215 31.76 10.36 -28.47
N VAL B 216 30.88 9.68 -27.72
CA VAL B 216 30.34 10.19 -26.47
C VAL B 216 31.37 10.05 -25.35
N ASN B 217 32.18 8.98 -25.41
CA ASN B 217 33.18 8.71 -24.40
C ASN B 217 34.32 9.73 -24.53
N GLU B 218 34.69 10.06 -25.76
CA GLU B 218 35.65 11.12 -26.06
C GLU B 218 35.24 12.44 -25.40
N MET B 219 33.94 12.72 -25.37
CA MET B 219 33.42 13.96 -24.82
C MET B 219 33.54 13.96 -23.30
N ILE B 220 33.36 12.80 -22.68
CA ILE B 220 33.37 12.69 -21.23
C ILE B 220 34.79 12.81 -20.69
N TYR B 221 35.77 12.32 -21.46
CA TYR B 221 37.15 12.24 -20.99
C TYR B 221 38.14 12.34 -22.16
N ASN B 222 39.05 13.32 -22.09
CA ASN B 222 39.96 13.59 -23.18
C ASN B 222 41.14 14.38 -22.64
N GLU B 223 42.13 14.67 -23.49
CA GLU B 223 43.37 15.31 -23.05
C GLU B 223 43.09 16.73 -22.55
N LYS B 224 42.04 17.37 -23.07
CA LYS B 224 41.62 18.69 -22.59
C LYS B 224 40.92 18.56 -21.23
N ASN B 225 40.09 17.53 -21.07
CA ASN B 225 39.23 17.38 -19.92
C ASN B 225 39.41 16.01 -19.28
N ASN B 226 40.21 15.96 -18.21
CA ASN B 226 40.59 14.68 -17.62
C ASN B 226 40.60 14.79 -16.10
N SER B 227 39.55 15.40 -15.56
CA SER B 227 39.25 15.31 -14.14
C SER B 227 39.16 13.84 -13.72
N LYS B 228 39.32 13.59 -12.43
CA LYS B 228 39.07 12.28 -11.85
C LYS B 228 37.57 12.03 -11.81
N LEU B 229 36.79 13.10 -11.62
CA LEU B 229 35.33 12.99 -11.66
C LEU B 229 34.89 12.55 -13.05
N ARG B 230 35.48 13.18 -14.09
CA ARG B 230 35.20 12.82 -15.46
C ARG B 230 35.57 11.35 -15.69
N GLU B 231 36.68 10.92 -15.08
CA GLU B 231 37.15 9.55 -15.19
C GLU B 231 36.11 8.61 -14.58
N LEU B 232 35.58 8.97 -13.41
CA LEU B 232 34.55 8.17 -12.74
C LEU B 232 33.41 7.88 -13.69
N PHE B 233 32.88 8.93 -14.32
CA PHE B 233 31.72 8.82 -15.20
C PHE B 233 32.06 8.01 -16.45
N LEU B 234 33.31 8.13 -16.93
CA LEU B 234 33.77 7.33 -18.05
C LEU B 234 33.75 5.85 -17.68
N GLU B 235 34.24 5.54 -16.47
CA GLU B 235 34.42 4.17 -16.01
C GLU B 235 33.07 3.48 -15.81
N LEU B 236 32.02 4.27 -15.58
CA LEU B 236 30.66 3.76 -15.49
C LEU B 236 30.20 3.33 -16.88
N PHE B 237 30.33 4.24 -17.85
CA PHE B 237 29.91 4.01 -19.22
C PHE B 237 30.60 2.78 -19.80
N GLN B 238 31.88 2.59 -19.44
CA GLN B 238 32.64 1.45 -19.92
C GLN B 238 32.09 0.16 -19.36
N PHE B 239 31.87 0.11 -18.04
CA PHE B 239 31.37 -1.10 -17.40
C PHE B 239 29.98 -1.43 -17.95
N PHE B 240 29.16 -0.40 -18.14
CA PHE B 240 27.82 -0.60 -18.69
C PHE B 240 27.94 -1.24 -20.07
N ALA B 241 28.91 -0.78 -20.87
CA ALA B 241 29.13 -1.30 -22.21
C ALA B 241 29.61 -2.76 -22.14
N HIS B 242 30.41 -3.09 -21.11
CA HIS B 242 30.94 -4.42 -20.94
C HIS B 242 29.80 -5.42 -20.72
N THR B 243 28.68 -4.95 -20.17
CA THR B 243 27.51 -5.78 -19.98
C THR B 243 26.65 -5.81 -21.25
N TYR B 244 27.18 -5.29 -22.36
CA TYR B 244 26.58 -5.45 -23.68
C TYR B 244 27.70 -5.81 -24.69
N GLY B 249 24.32 -7.65 -28.15
CA GLY B 249 23.11 -6.88 -28.47
C GLY B 249 23.44 -5.57 -29.18
N PHE B 250 24.04 -4.63 -28.44
CA PHE B 250 24.43 -3.32 -28.95
C PHE B 250 25.96 -3.22 -29.02
N GLU B 251 26.50 -3.42 -30.23
CA GLU B 251 27.93 -3.40 -30.47
C GLU B 251 28.40 -1.95 -30.59
N SER B 252 27.49 -1.03 -30.93
CA SER B 252 27.78 0.39 -31.01
C SER B 252 28.10 0.94 -29.62
N GLY B 253 27.53 0.32 -28.59
CA GLY B 253 27.72 0.75 -27.21
C GLY B 253 26.44 0.54 -26.41
N PRO B 254 26.40 0.94 -25.11
CA PRO B 254 25.23 0.74 -24.26
C PRO B 254 24.25 1.92 -24.22
N PRO B 255 22.93 1.67 -24.15
CA PRO B 255 21.96 2.75 -23.95
C PRO B 255 21.95 3.27 -22.51
N ILE B 256 21.72 4.58 -22.36
CA ILE B 256 21.70 5.23 -21.06
C ILE B 256 20.27 5.69 -20.79
N HIS B 257 19.48 4.81 -20.14
CA HIS B 257 18.03 4.89 -20.19
C HIS B 257 17.49 6.05 -19.34
N ASP B 258 18.02 6.20 -18.13
CA ASP B 258 17.34 6.93 -17.07
C ASP B 258 17.34 8.44 -17.32
N PRO B 259 18.44 9.07 -17.77
CA PRO B 259 18.44 10.51 -18.03
C PRO B 259 17.43 10.96 -19.08
N VAL B 260 16.99 10.02 -19.92
CA VAL B 260 16.05 10.34 -21.00
C VAL B 260 14.73 10.82 -20.40
N ALA B 261 14.43 10.40 -19.16
CA ALA B 261 13.19 10.79 -18.49
C ALA B 261 13.18 12.28 -18.16
N SER B 262 14.34 12.94 -18.28
CA SER B 262 14.46 14.37 -17.99
C SER B 262 14.12 15.22 -19.22
N MET B 263 14.19 14.63 -20.42
CA MET B 263 14.13 15.40 -21.65
C MET B 263 12.71 15.91 -21.87
N PRO B 264 11.63 15.09 -21.71
CA PRO B 264 10.26 15.57 -21.88
C PRO B 264 9.91 16.79 -21.02
N LEU B 265 10.54 16.89 -19.84
CA LEU B 265 10.35 18.01 -18.94
C LEU B 265 10.93 19.28 -19.55
N LEU B 266 12.09 19.16 -20.20
CA LEU B 266 12.74 20.29 -20.85
C LEU B 266 11.86 20.85 -21.97
N GLU B 267 11.10 19.97 -22.65
CA GLU B 267 10.20 20.40 -23.71
C GLU B 267 8.91 20.94 -23.09
N PHE B 268 8.31 20.16 -22.18
CA PHE B 268 6.99 20.46 -21.65
C PHE B 268 7.02 21.72 -20.78
N TYR B 269 7.99 21.83 -19.88
CA TYR B 269 8.17 23.05 -19.10
C TYR B 269 8.68 24.18 -20.00
N GLY B 270 9.04 23.85 -21.24
CA GLY B 270 9.44 24.84 -22.22
C GLY B 270 10.79 25.46 -21.91
N TRP B 271 11.72 24.66 -21.37
CA TRP B 271 13.09 25.10 -21.19
C TRP B 271 13.69 25.45 -22.55
N ASP B 272 13.50 24.54 -23.53
CA ASP B 272 13.87 24.78 -24.92
C ASP B 272 12.66 24.50 -25.79
N PRO B 273 12.66 24.95 -27.06
CA PRO B 273 11.57 24.66 -27.99
C PRO B 273 11.47 23.16 -28.27
N SER B 274 10.32 22.74 -28.81
CA SER B 274 10.09 21.35 -29.16
C SER B 274 10.95 20.95 -30.36
N SER B 275 11.32 21.92 -31.20
CA SER B 275 12.21 21.69 -32.32
C SER B 275 13.59 21.22 -31.83
N ALA B 276 14.02 21.75 -30.68
CA ALA B 276 15.30 21.40 -30.10
C ALA B 276 15.24 20.01 -29.47
N VAL B 277 14.29 19.83 -28.54
CA VAL B 277 14.20 18.61 -27.76
C VAL B 277 13.72 17.49 -28.67
N GLY B 278 12.72 17.79 -29.50
CA GLY B 278 12.25 16.86 -30.51
C GLY B 278 11.47 15.69 -29.92
N PHE B 279 10.93 15.87 -28.71
CA PHE B 279 10.27 14.79 -28.01
C PHE B 279 8.88 14.56 -28.59
N ARG B 280 8.68 13.39 -29.20
CA ARG B 280 7.41 12.99 -29.79
C ARG B 280 6.84 11.84 -28.97
N TYR B 281 5.51 11.79 -28.89
CA TYR B 281 4.83 10.85 -27.98
C TYR B 281 3.43 10.52 -28.49
N LYS B 282 2.89 9.42 -27.99
CA LYS B 282 1.50 9.04 -28.18
C LYS B 282 0.76 9.14 -26.85
N ARG B 283 -0.57 9.03 -26.93
CA ARG B 283 -1.43 8.99 -25.74
C ARG B 283 -2.08 7.63 -25.65
N MET B 284 -1.82 6.91 -24.55
CA MET B 284 -2.34 5.56 -24.37
C MET B 284 -2.59 5.31 -22.88
N ASP B 285 -3.72 4.67 -22.57
CA ASP B 285 -3.87 3.99 -21.30
C ASP B 285 -3.10 2.67 -21.38
N ILE B 286 -2.30 2.38 -20.35
CA ILE B 286 -1.54 1.14 -20.33
C ILE B 286 -1.69 0.49 -18.96
N SER B 287 -1.40 -0.81 -18.92
CA SER B 287 -1.34 -1.59 -17.69
C SER B 287 -0.19 -2.59 -17.84
N CYS B 288 -0.06 -3.52 -16.89
CA CYS B 288 0.93 -4.57 -17.01
C CYS B 288 0.46 -5.84 -16.30
N ILE B 289 0.93 -6.99 -16.76
CA ILE B 289 0.62 -8.27 -16.14
C ILE B 289 1.33 -8.31 -14.78
N ASP B 290 0.54 -8.40 -13.70
CA ASP B 290 1.09 -8.35 -12.35
C ASP B 290 0.97 -9.69 -11.64
N ASP B 291 0.43 -10.71 -12.35
CA ASP B 291 0.57 -12.08 -11.90
C ASP B 291 2.03 -12.48 -12.11
N VAL B 292 2.73 -12.79 -11.00
CA VAL B 292 4.15 -13.09 -11.04
C VAL B 292 4.37 -14.48 -11.65
N PHE B 293 3.40 -15.39 -11.47
CA PHE B 293 3.43 -16.74 -12.01
C PHE B 293 3.33 -16.72 -13.54
N ASN B 294 2.81 -15.62 -14.10
CA ASN B 294 2.64 -15.50 -15.55
C ASN B 294 4.01 -15.38 -16.21
N GLU B 295 4.15 -16.02 -17.39
CA GLU B 295 5.42 -16.09 -18.09
C GLU B 295 5.76 -14.72 -18.69
N ASN B 296 4.72 -13.93 -18.98
CA ASN B 296 4.91 -12.57 -19.49
C ASN B 296 4.78 -11.57 -18.34
N SER B 297 5.13 -12.00 -17.12
CA SER B 297 5.09 -11.15 -15.94
C SER B 297 5.74 -9.80 -16.24
N GLY B 298 4.99 -8.71 -16.04
CA GLY B 298 5.52 -7.37 -16.17
C GLY B 298 5.28 -6.76 -17.55
N LYS B 299 5.01 -7.59 -18.57
CA LYS B 299 4.83 -7.10 -19.93
C LYS B 299 3.74 -6.03 -19.93
N ILE B 300 3.94 -4.97 -20.73
CA ILE B 300 2.99 -3.88 -20.83
C ILE B 300 1.84 -4.29 -21.73
N ILE B 301 0.60 -3.98 -21.28
CA ILE B 301 -0.59 -4.05 -22.12
C ILE B 301 -0.99 -2.62 -22.49
N ILE B 302 -1.33 -2.42 -23.76
CA ILE B 302 -1.94 -1.19 -24.22
C ILE B 302 -3.45 -1.34 -24.08
N GLU B 303 -4.02 -0.65 -23.08
CA GLU B 303 -5.44 -0.71 -22.80
C GLU B 303 -6.21 0.01 -23.92
N LYS B 304 -5.80 1.25 -24.20
CA LYS B 304 -6.54 2.14 -25.08
C LYS B 304 -5.55 3.12 -25.72
N GLU B 305 -5.97 3.74 -26.82
CA GLU B 305 -5.16 4.68 -27.58
C GLU B 305 -6.01 5.91 -27.86
N TYR B 306 -5.36 7.07 -28.02
CA TYR B 306 -6.06 8.34 -28.17
C TYR B 306 -5.42 9.16 -29.30
N PRO B 307 -6.16 10.10 -29.95
CA PRO B 307 -5.56 11.01 -30.93
C PRO B 307 -4.50 11.87 -30.25
N ASN B 308 -3.59 12.46 -31.05
CA ASN B 308 -2.39 13.07 -30.52
C ASN B 308 -2.72 14.30 -29.67
N ASP B 309 -3.87 14.94 -29.95
CA ASP B 309 -4.28 16.15 -29.27
C ASP B 309 -5.09 15.83 -28.00
N SER B 310 -5.03 14.57 -27.55
CA SER B 310 -5.87 14.09 -26.45
C SER B 310 -5.31 14.55 -25.10
N ASP B 311 -6.20 14.83 -24.15
CA ASP B 311 -5.84 15.17 -22.78
C ASP B 311 -5.77 13.89 -21.96
N VAL B 312 -6.67 12.95 -22.24
CA VAL B 312 -6.69 11.66 -21.58
C VAL B 312 -5.63 10.77 -22.20
N GLY B 313 -5.02 9.90 -21.38
CA GLY B 313 -4.01 8.97 -21.84
C GLY B 313 -2.65 9.23 -21.20
N THR B 314 -1.88 8.16 -20.97
CA THR B 314 -0.52 8.27 -20.50
C THR B 314 0.36 8.67 -21.70
N ILE B 315 1.34 9.56 -21.44
CA ILE B 315 2.21 10.10 -22.46
C ILE B 315 3.37 9.13 -22.68
N ILE B 316 3.39 8.50 -23.86
CA ILE B 316 4.35 7.46 -24.19
C ILE B 316 5.36 8.01 -25.20
N GLY B 317 6.63 8.07 -24.78
CA GLY B 317 7.70 8.56 -25.62
C GLY B 317 7.97 7.64 -26.81
N LEU B 318 8.28 8.26 -27.96
CA LEU B 318 8.55 7.53 -29.19
C LEU B 318 9.92 7.93 -29.73
N ASP B 319 10.11 9.22 -29.99
CA ASP B 319 11.37 9.73 -30.51
C ASP B 319 11.75 10.99 -29.74
N LEU B 320 13.06 11.27 -29.66
CA LEU B 320 13.55 12.60 -29.30
C LEU B 320 14.88 12.83 -30.03
N ASN B 321 15.41 14.04 -29.89
CA ASN B 321 16.67 14.40 -30.54
C ASN B 321 17.83 13.94 -29.65
N ILE B 322 18.55 12.91 -30.13
CA ILE B 322 19.58 12.27 -29.33
C ILE B 322 20.81 13.17 -29.26
N GLN B 323 21.03 13.97 -30.32
CA GLN B 323 22.06 14.99 -30.30
C GLN B 323 21.84 15.92 -29.11
N TYR B 324 20.60 16.43 -28.98
CA TYR B 324 20.24 17.35 -27.92
C TYR B 324 20.46 16.72 -26.55
N PHE B 325 19.91 15.51 -26.39
CA PHE B 325 20.07 14.72 -25.18
C PHE B 325 21.50 14.79 -24.66
N TRP B 326 22.45 14.45 -25.52
CA TRP B 326 23.86 14.38 -25.14
C TRP B 326 24.43 15.75 -24.80
N ASP B 327 24.00 16.79 -25.54
CA ASP B 327 24.43 18.15 -25.29
C ASP B 327 24.07 18.55 -23.86
N GLN B 328 22.90 18.10 -23.38
CA GLN B 328 22.44 18.44 -22.05
C GLN B 328 23.34 17.76 -21.00
N ILE B 329 23.70 16.50 -21.26
CA ILE B 329 24.48 15.74 -20.31
C ILE B 329 25.87 16.35 -20.18
N PHE B 330 26.45 16.77 -21.31
CA PHE B 330 27.78 17.35 -21.31
C PHE B 330 27.76 18.70 -20.59
N GLU B 331 26.73 19.51 -20.88
CA GLU B 331 26.50 20.77 -20.21
C GLU B 331 26.59 20.59 -18.69
N ALA B 332 25.80 19.65 -18.18
CA ALA B 332 25.75 19.34 -16.76
C ALA B 332 27.12 18.89 -16.26
N LEU B 333 27.81 18.07 -17.06
CA LEU B 333 29.06 17.45 -16.66
C LEU B 333 30.17 18.49 -16.52
N ASN B 334 30.11 19.60 -17.27
CA ASN B 334 31.11 20.65 -17.17
C ASN B 334 30.98 21.42 -15.88
N ARG B 335 29.76 21.48 -15.34
CA ARG B 335 29.46 22.22 -14.13
C ARG B 335 29.81 21.35 -12.92
N ALA B 336 29.44 20.07 -13.01
CA ALA B 336 29.83 19.07 -12.03
C ALA B 336 31.33 19.10 -11.83
N ASP B 337 32.05 19.25 -12.95
CA ASP B 337 33.51 19.21 -12.96
C ASP B 337 34.06 20.30 -12.05
N LYS B 338 33.35 21.44 -11.96
CA LYS B 338 33.79 22.57 -11.19
C LYS B 338 33.61 22.32 -9.69
N MET B 339 32.78 21.32 -9.33
CA MET B 339 32.43 21.08 -7.94
C MET B 339 32.99 19.74 -7.47
N SER B 340 33.77 19.07 -8.32
CA SER B 340 34.38 17.79 -8.01
C SER B 340 35.20 17.87 -6.73
N THR B 341 35.05 16.84 -5.87
CA THR B 341 35.73 16.81 -4.59
C THR B 341 36.80 15.72 -4.55
N ILE B 342 37.06 15.09 -5.69
CA ILE B 342 37.96 13.94 -5.76
C ILE B 342 39.08 14.22 -6.77
N GLY B 343 39.28 15.50 -7.09
CA GLY B 343 40.20 15.88 -8.16
C GLY B 343 39.57 15.70 -9.53
#